data_7D53
#
_entry.id   7D53
#
_cell.length_a   47.349
_cell.length_b   120.378
_cell.length_c   158.786
_cell.angle_alpha   90.000
_cell.angle_beta   90.000
_cell.angle_gamma   90.000
#
_symmetry.space_group_name_H-M   'P 21 21 21'
#
loop_
_entity.id
_entity.type
_entity.pdbx_description
1 polymer 'Probable glutamine amidotransferase'
2 non-polymer 'MAGNESIUM ION'
3 non-polymer 'GLUTAMIC ACID'
4 water water
#
_entity_poly.entity_id   1
_entity_poly.type   'polypeptide(L)'
_entity_poly.pdbx_seq_one_letter_code
;MSRLPLIGVTACTKQIGLHPYHIAGDKYLRAVVNGAGGLPLIIPALGESIDQAALLDSVDGLLFTGSPSNVEPRHYSGPA
SEPGTLHDSDRDATTLPLVRAAIDAGIPVLGICRGFQEMNVAFGGSLHQKVHEVGTFMDHREPADQPLEVQYAPRHAMHV
QPGGVLAGIGLPSEFQVNSIHGQGVDRLAPGLRVEALAPDGLVEAISVEGAKAFALGVQWNPEWQVLTNPNYLAIFQAFG
KACSKRAGQR
;
_entity_poly.pdbx_strand_id   A,B,C,D
#
loop_
_chem_comp.id
_chem_comp.type
_chem_comp.name
_chem_comp.formula
MG non-polymer 'MAGNESIUM ION' 'Mg 2'
#
# COMPACT_ATOMS: atom_id res chain seq x y z
N SER A 2 -6.55 12.09 8.23
CA SER A 2 -6.72 11.73 6.82
C SER A 2 -5.37 11.61 6.12
N ARG A 3 -5.25 10.59 5.28
CA ARG A 3 -4.02 10.32 4.55
C ARG A 3 -3.92 11.24 3.33
N LEU A 4 -2.82 11.99 3.23
CA LEU A 4 -2.58 12.74 2.01
C LEU A 4 -2.41 11.74 0.87
N PRO A 5 -3.06 11.94 -0.26
CA PRO A 5 -2.85 11.02 -1.39
C PRO A 5 -1.51 11.25 -2.05
N LEU A 6 -0.89 10.15 -2.44
CA LEU A 6 0.37 10.12 -3.17
C LEU A 6 -0.01 10.19 -4.64
N ILE A 7 0.33 11.30 -5.28
CA ILE A 7 -0.01 11.52 -6.68
C ILE A 7 1.27 11.45 -7.50
N GLY A 8 1.31 10.51 -8.44
CA GLY A 8 2.45 10.38 -9.34
C GLY A 8 2.35 11.37 -10.48
N VAL A 9 3.46 12.03 -10.80
CA VAL A 9 3.52 13.08 -11.79
C VAL A 9 4.50 12.63 -12.86
N THR A 10 4.07 12.56 -14.11
CA THR A 10 4.92 12.03 -15.15
C THR A 10 6.14 12.89 -15.44
N ALA A 11 7.30 12.23 -15.56
CA ALA A 11 8.51 12.90 -16.00
C ALA A 11 8.68 12.91 -17.52
N CYS A 12 9.47 13.88 -17.98
CA CYS A 12 10.05 13.91 -19.32
C CYS A 12 11.52 13.52 -19.20
N THR A 13 12.13 13.12 -20.30
CA THR A 13 13.57 12.89 -20.33
C THR A 13 14.27 14.11 -20.90
N LYS A 14 15.53 14.29 -20.49
CA LYS A 14 16.34 15.40 -20.93
C LYS A 14 17.80 15.01 -20.74
N GLN A 15 18.61 15.21 -21.77
CA GLN A 15 20.05 15.08 -21.69
C GLN A 15 20.63 16.41 -21.24
N ILE A 16 21.40 16.39 -20.14
CA ILE A 16 22.02 17.60 -19.60
C ILE A 16 23.50 17.30 -19.54
N GLY A 17 24.26 17.86 -20.47
CA GLY A 17 25.67 17.52 -20.52
C GLY A 17 25.82 16.08 -20.95
N LEU A 18 26.65 15.33 -20.23
CA LEU A 18 26.83 13.94 -20.62
C LEU A 18 25.86 13.00 -19.93
N HIS A 19 24.97 13.55 -19.04
CA HIS A 19 24.09 12.72 -18.25
C HIS A 19 22.63 12.78 -18.69
N PRO A 20 21.97 11.63 -18.76
CA PRO A 20 20.52 11.62 -18.94
C PRO A 20 19.79 11.84 -17.62
N TYR A 21 18.73 12.63 -17.68
CA TYR A 21 17.93 12.99 -16.53
C TYR A 21 16.45 12.75 -16.80
N HIS A 22 15.68 12.66 -15.71
CA HIS A 22 14.22 12.64 -15.72
C HIS A 22 13.79 13.92 -15.02
N ILE A 23 12.85 14.64 -15.64
CA ILE A 23 12.53 15.98 -15.19
C ILE A 23 11.03 16.20 -15.11
N ALA A 24 10.63 17.12 -14.24
CA ALA A 24 9.23 17.49 -14.14
C ALA A 24 9.08 18.93 -13.68
N GLY A 25 8.11 19.62 -14.27
CA GLY A 25 7.98 21.04 -14.03
C GLY A 25 7.48 21.35 -12.62
N ASP A 26 8.14 22.32 -12.00
CA ASP A 26 7.74 22.80 -10.68
C ASP A 26 6.27 23.21 -10.61
N LYS A 27 5.73 23.86 -11.66
CA LYS A 27 4.37 24.35 -11.52
C LYS A 27 3.36 23.21 -11.47
N TYR A 28 3.68 22.04 -12.06
CA TYR A 28 2.76 20.92 -11.93
C TYR A 28 2.79 20.35 -10.52
N LEU A 29 3.98 20.28 -9.95
CA LEU A 29 4.15 19.72 -8.62
C LEU A 29 3.51 20.60 -7.56
N ARG A 30 3.68 21.93 -7.68
CA ARG A 30 3.02 22.81 -6.75
C ARG A 30 1.51 22.79 -6.92
N ALA A 31 0.99 22.60 -8.13
CA ALA A 31 -0.46 22.49 -8.24
C ALA A 31 -0.98 21.23 -7.54
N VAL A 32 -0.24 20.12 -7.59
CA VAL A 32 -0.65 18.92 -6.85
C VAL A 32 -0.74 19.20 -5.36
N VAL A 33 0.24 19.93 -4.82
CA VAL A 33 0.21 20.28 -3.40
C VAL A 33 -0.93 21.25 -3.09
N ASN A 34 -0.98 22.35 -3.84
CA ASN A 34 -1.84 23.48 -3.50
C ASN A 34 -3.27 23.25 -3.94
N GLY A 35 -3.46 22.69 -5.14
CA GLY A 35 -4.79 22.50 -5.69
C GLY A 35 -5.43 21.17 -5.36
N ALA A 36 -4.67 20.08 -5.42
CA ALA A 36 -5.21 18.74 -5.17
C ALA A 36 -5.03 18.26 -3.73
N GLY A 37 -4.20 18.93 -2.93
CA GLY A 37 -3.96 18.49 -1.57
C GLY A 37 -3.21 17.19 -1.47
N GLY A 38 -2.32 16.92 -2.42
CA GLY A 38 -1.61 15.66 -2.46
C GLY A 38 -0.12 15.83 -2.26
N LEU A 39 0.54 14.69 -2.20
CA LEU A 39 1.99 14.60 -2.12
C LEU A 39 2.50 14.19 -3.48
N PRO A 40 3.22 15.06 -4.21
CA PRO A 40 3.63 14.68 -5.56
C PRO A 40 4.95 13.94 -5.54
N LEU A 41 5.01 12.81 -6.23
CA LEU A 41 6.24 12.12 -6.52
C LEU A 41 6.32 11.96 -8.03
N ILE A 42 7.51 12.12 -8.57
CA ILE A 42 7.72 12.11 -10.00
C ILE A 42 7.98 10.69 -10.50
N ILE A 43 7.26 10.29 -11.53
CA ILE A 43 7.38 8.97 -12.14
C ILE A 43 8.41 9.05 -13.27
N PRO A 44 9.56 8.36 -13.14
CA PRO A 44 10.57 8.39 -14.21
C PRO A 44 10.01 7.80 -15.49
N ALA A 45 10.59 8.24 -16.61
CA ALA A 45 10.17 7.75 -17.93
C ALA A 45 11.05 6.55 -18.28
N LEU A 46 10.79 5.46 -17.58
CA LEU A 46 11.60 4.26 -17.72
C LEU A 46 10.92 3.16 -18.52
N GLY A 47 9.73 3.39 -19.03
CA GLY A 47 9.10 2.43 -19.93
C GLY A 47 8.96 1.08 -19.25
N GLU A 48 9.32 0.02 -19.98
CA GLU A 48 9.10 -1.32 -19.49
C GLU A 48 10.08 -1.74 -18.40
N SER A 49 11.11 -0.93 -18.12
CA SER A 49 12.05 -1.31 -17.07
C SER A 49 11.38 -1.41 -15.71
N ILE A 50 10.18 -0.84 -15.56
CA ILE A 50 9.42 -0.85 -14.30
C ILE A 50 8.28 -1.86 -14.38
N ASP A 51 7.95 -2.45 -13.23
CA ASP A 51 6.70 -3.19 -13.09
C ASP A 51 5.57 -2.17 -13.06
N GLN A 52 4.89 -2.01 -14.19
CA GLN A 52 3.76 -1.08 -14.25
C GLN A 52 2.72 -1.38 -13.19
N ALA A 53 2.48 -2.66 -12.92
CA ALA A 53 1.52 -3.04 -11.90
C ALA A 53 1.97 -2.57 -10.51
N ALA A 54 3.25 -2.64 -10.23
CA ALA A 54 3.76 -2.16 -8.94
C ALA A 54 3.63 -0.64 -8.83
N LEU A 55 3.91 0.06 -9.93
CA LEU A 55 3.70 1.51 -9.95
C LEU A 55 2.25 1.87 -9.64
N LEU A 56 1.30 1.21 -10.32
CA LEU A 56 -0.08 1.57 -10.09
C LEU A 56 -0.49 1.28 -8.65
N ASP A 57 -0.03 0.17 -8.08
CA ASP A 57 -0.38 -0.12 -6.70
C ASP A 57 0.18 0.91 -5.73
N SER A 58 1.25 1.60 -6.09
CA SER A 58 1.92 2.49 -5.17
C SER A 58 1.39 3.92 -5.19
N VAL A 59 0.52 4.29 -6.14
CA VAL A 59 0.05 5.67 -6.24
C VAL A 59 -1.45 5.70 -5.99
N ASP A 60 -1.94 6.88 -5.55
CA ASP A 60 -3.36 7.12 -5.38
C ASP A 60 -3.99 7.86 -6.56
N GLY A 61 -3.16 8.32 -7.48
CA GLY A 61 -3.59 9.01 -8.69
C GLY A 61 -2.38 9.38 -9.52
N LEU A 62 -2.66 9.78 -10.77
CA LEU A 62 -1.65 10.10 -11.76
C LEU A 62 -1.98 11.39 -12.47
N LEU A 63 -0.98 12.27 -12.55
CA LEU A 63 -1.05 13.50 -13.32
C LEU A 63 -0.13 13.33 -14.51
N PHE A 64 -0.70 13.30 -15.71
CA PHE A 64 0.05 13.28 -16.97
C PHE A 64 0.22 14.74 -17.38
N THR A 65 1.48 15.25 -17.28
CA THR A 65 1.79 16.66 -17.40
C THR A 65 1.86 17.11 -18.86
N GLY A 66 1.84 18.43 -19.04
CA GLY A 66 2.23 19.01 -20.33
C GLY A 66 3.72 18.95 -20.56
N SER A 67 4.11 19.18 -21.81
CA SER A 67 5.52 19.17 -22.20
C SER A 67 5.67 19.86 -23.53
N PRO A 68 6.83 20.46 -23.82
CA PRO A 68 7.06 20.94 -25.19
C PRO A 68 7.12 19.82 -26.21
N SER A 69 7.36 18.58 -25.80
CA SER A 69 7.46 17.49 -26.78
C SER A 69 6.07 17.08 -27.25
N ASN A 70 6.03 16.30 -28.32
CA ASN A 70 4.81 15.85 -28.99
C ASN A 70 4.83 14.34 -29.08
N VAL A 71 3.66 13.73 -28.87
CA VAL A 71 3.54 12.29 -29.07
C VAL A 71 3.97 11.93 -30.48
N GLU A 72 4.75 10.87 -30.61
CA GLU A 72 5.23 10.45 -31.94
C GLU A 72 4.03 9.98 -32.76
N PRO A 73 3.88 10.44 -34.00
CA PRO A 73 2.64 10.14 -34.72
C PRO A 73 2.44 8.67 -35.07
N ARG A 74 3.47 7.84 -35.01
CA ARG A 74 3.25 6.43 -35.30
C ARG A 74 2.25 5.81 -34.35
N HIS A 75 2.10 6.37 -33.16
CA HIS A 75 1.16 5.79 -32.20
C HIS A 75 -0.29 5.98 -32.58
N TYR A 76 -0.61 6.86 -33.55
CA TYR A 76 -1.97 6.96 -34.07
C TYR A 76 -1.99 6.83 -35.59
N SER A 77 -0.94 6.22 -36.16
CA SER A 77 -0.81 5.99 -37.60
C SER A 77 -0.89 7.30 -38.38
N GLY A 78 -0.33 8.36 -37.80
CA GLY A 78 -0.28 9.65 -38.46
C GLY A 78 0.95 9.74 -39.35
N PRO A 79 0.98 10.76 -40.20
CA PRO A 79 2.16 10.98 -41.03
C PRO A 79 3.36 11.37 -40.18
N ALA A 80 4.55 11.07 -40.70
CA ALA A 80 5.76 11.45 -39.99
C ALA A 80 5.75 12.96 -39.70
N SER A 81 6.29 13.32 -38.53
CA SER A 81 6.30 14.72 -38.14
C SER A 81 7.31 15.49 -38.99
N GLU A 82 7.10 16.78 -39.08
CA GLU A 82 8.00 17.61 -39.86
C GLU A 82 9.38 17.63 -39.22
N PRO A 83 10.41 17.85 -40.01
CA PRO A 83 11.77 17.85 -39.45
C PRO A 83 11.91 18.85 -38.30
N GLY A 84 12.57 18.41 -37.23
CA GLY A 84 12.81 19.24 -36.07
C GLY A 84 11.75 19.18 -35.00
N THR A 85 10.60 18.55 -35.26
CA THR A 85 9.58 18.39 -34.23
C THR A 85 10.20 17.73 -32.98
N LEU A 86 9.85 18.26 -31.81
CA LEU A 86 10.34 17.71 -30.57
C LEU A 86 9.54 16.49 -30.16
N HIS A 87 10.23 15.38 -29.88
CA HIS A 87 9.61 14.16 -29.42
C HIS A 87 10.31 13.67 -28.16
N ASP A 88 9.67 12.72 -27.46
CA ASP A 88 10.23 12.15 -26.24
C ASP A 88 9.79 10.69 -26.22
N SER A 89 10.53 9.84 -26.94
CA SER A 89 10.07 8.47 -27.12
C SER A 89 10.05 7.71 -25.80
N ASP A 90 10.98 8.02 -24.88
CA ASP A 90 10.98 7.34 -23.59
C ASP A 90 9.73 7.70 -22.79
N ARG A 91 9.29 8.96 -22.84
CA ARG A 91 8.04 9.30 -22.19
C ARG A 91 6.88 8.56 -22.84
N ASP A 92 6.81 8.55 -24.20
CA ASP A 92 5.69 7.86 -24.86
C ASP A 92 5.59 6.40 -24.42
N ALA A 93 6.75 5.74 -24.27
CA ALA A 93 6.80 4.32 -23.90
C ALA A 93 6.36 4.09 -22.48
N THR A 94 6.39 5.13 -21.66
CA THR A 94 5.88 5.08 -20.29
C THR A 94 4.40 5.43 -20.22
N THR A 95 3.99 6.53 -20.87
CA THR A 95 2.67 7.07 -20.54
C THR A 95 1.53 6.40 -21.29
N LEU A 96 1.73 6.02 -22.56
CA LEU A 96 0.60 5.48 -23.30
C LEU A 96 0.10 4.19 -22.70
N PRO A 97 0.95 3.22 -22.33
CA PRO A 97 0.39 2.03 -21.68
C PRO A 97 -0.10 2.34 -20.29
N LEU A 98 0.55 3.30 -19.61
CA LEU A 98 0.17 3.58 -18.24
C LEU A 98 -1.25 4.17 -18.17
N VAL A 99 -1.62 5.02 -19.13
CA VAL A 99 -2.96 5.60 -19.12
C VAL A 99 -4.01 4.50 -19.11
N ARG A 100 -3.90 3.58 -20.08
CA ARG A 100 -4.89 2.52 -20.21
C ARG A 100 -4.95 1.69 -18.93
N ALA A 101 -3.79 1.32 -18.41
CA ALA A 101 -3.75 0.42 -17.27
C ALA A 101 -4.30 1.11 -16.03
N ALA A 102 -4.01 2.40 -15.86
CA ALA A 102 -4.52 3.16 -14.73
C ALA A 102 -6.04 3.21 -14.75
N ILE A 103 -6.63 3.53 -15.89
CA ILE A 103 -8.08 3.68 -15.97
C ILE A 103 -8.74 2.32 -15.79
N ASP A 104 -8.11 1.26 -16.30
CA ASP A 104 -8.65 -0.09 -16.11
C ASP A 104 -8.65 -0.48 -14.64
N ALA A 105 -7.64 -0.04 -13.89
CA ALA A 105 -7.46 -0.42 -12.50
C ALA A 105 -8.17 0.51 -11.53
N GLY A 106 -8.78 1.58 -12.01
CA GLY A 106 -9.49 2.49 -11.13
C GLY A 106 -8.59 3.46 -10.39
N ILE A 107 -7.45 3.82 -10.99
CA ILE A 107 -6.56 4.82 -10.43
C ILE A 107 -6.95 6.17 -11.05
N PRO A 108 -7.28 7.17 -10.25
CA PRO A 108 -7.67 8.48 -10.81
C PRO A 108 -6.60 9.03 -11.73
N VAL A 109 -7.03 9.64 -12.82
CA VAL A 109 -6.11 10.19 -13.83
C VAL A 109 -6.55 11.61 -14.17
N LEU A 110 -5.59 12.55 -14.15
CA LEU A 110 -5.78 13.88 -14.72
C LEU A 110 -4.70 14.09 -15.77
N GLY A 111 -5.10 14.42 -17.00
CA GLY A 111 -4.15 14.73 -18.07
C GLY A 111 -4.25 16.19 -18.45
N ILE A 112 -3.10 16.84 -18.57
CA ILE A 112 -2.99 18.25 -18.92
C ILE A 112 -2.19 18.39 -20.22
N CYS A 113 -2.77 19.06 -21.21
CA CYS A 113 -2.13 19.46 -22.48
C CYS A 113 -1.50 18.25 -23.16
N ARG A 114 -0.18 18.10 -23.20
CA ARG A 114 0.38 16.87 -23.78
C ARG A 114 -0.24 15.62 -23.17
N GLY A 115 -0.53 15.66 -21.87
CA GLY A 115 -1.09 14.49 -21.22
C GLY A 115 -2.51 14.17 -21.63
N PHE A 116 -3.29 15.20 -21.96
CA PHE A 116 -4.61 15.02 -22.57
C PHE A 116 -4.49 14.43 -23.97
N GLN A 117 -3.49 14.88 -24.71
CA GLN A 117 -3.25 14.31 -26.04
C GLN A 117 -2.85 12.85 -25.92
N GLU A 118 -2.05 12.51 -24.91
CA GLU A 118 -1.69 11.12 -24.63
C GLU A 118 -2.93 10.30 -24.38
N MET A 119 -3.86 10.84 -23.61
CA MET A 119 -5.06 10.08 -23.30
C MET A 119 -5.80 9.76 -24.59
N ASN A 120 -6.02 10.75 -25.44
CA ASN A 120 -6.75 10.48 -26.68
C ASN A 120 -6.01 9.44 -27.52
N VAL A 121 -4.69 9.57 -27.66
CA VAL A 121 -3.95 8.61 -28.48
C VAL A 121 -3.99 7.21 -27.85
N ALA A 122 -3.82 7.12 -26.51
CA ALA A 122 -3.78 5.82 -25.85
C ALA A 122 -5.06 5.00 -26.06
N PHE A 123 -6.19 5.65 -26.19
CA PHE A 123 -7.45 4.97 -26.39
C PHE A 123 -7.83 4.79 -27.86
N GLY A 124 -6.96 5.18 -28.79
CA GLY A 124 -7.18 4.93 -30.19
C GLY A 124 -7.54 6.10 -31.04
N GLY A 125 -7.41 7.32 -30.49
CA GLY A 125 -7.71 8.54 -31.22
C GLY A 125 -6.47 9.06 -31.93
N SER A 126 -6.63 10.19 -32.61
CA SER A 126 -5.57 10.78 -33.40
C SER A 126 -5.45 12.27 -33.09
N LEU A 127 -4.34 12.85 -33.53
CA LEU A 127 -4.06 14.27 -33.33
C LEU A 127 -3.84 14.99 -34.65
N HIS A 128 -4.16 16.28 -34.63
CA HIS A 128 -3.68 17.22 -35.62
C HIS A 128 -2.29 17.66 -35.19
N GLN A 129 -1.30 17.56 -36.04
CA GLN A 129 0.02 17.96 -35.60
C GLN A 129 0.22 19.47 -35.62
N LYS A 130 -0.61 20.20 -36.37
CA LYS A 130 -0.56 21.68 -36.45
C LYS A 130 -2.02 22.19 -36.53
N VAL A 131 -2.64 22.32 -35.35
CA VAL A 131 -4.01 22.81 -35.27
C VAL A 131 -4.18 24.10 -36.04
N HIS A 132 -3.21 25.01 -35.90
CA HIS A 132 -3.25 26.34 -36.49
C HIS A 132 -3.12 26.30 -38.01
N GLU A 133 -2.87 25.15 -38.62
CA GLU A 133 -2.82 25.04 -40.08
C GLU A 133 -3.93 24.21 -40.69
N VAL A 134 -4.86 23.70 -39.89
CA VAL A 134 -5.90 22.85 -40.45
C VAL A 134 -6.85 23.66 -41.33
N GLY A 135 -7.24 24.85 -40.87
CA GLY A 135 -8.09 25.74 -41.62
C GLY A 135 -9.34 26.14 -40.91
N THR A 136 -9.77 25.36 -39.91
CA THR A 136 -11.02 25.66 -39.23
C THR A 136 -10.79 25.94 -37.75
N PHE A 137 -9.54 26.00 -37.30
CA PHE A 137 -9.25 26.31 -35.92
C PHE A 137 -8.50 27.62 -35.80
N MET A 138 -8.66 28.25 -34.64
CA MET A 138 -7.79 29.35 -34.30
C MET A 138 -6.37 28.86 -34.07
N ASP A 139 -5.46 29.81 -33.91
CA ASP A 139 -4.13 29.48 -33.48
C ASP A 139 -4.16 29.31 -31.96
N HIS A 140 -3.98 28.06 -31.51
CA HIS A 140 -4.03 27.73 -30.11
C HIS A 140 -2.69 27.82 -29.40
N ARG A 141 -1.60 28.18 -30.10
CA ARG A 141 -0.30 28.35 -29.49
C ARG A 141 -0.23 29.61 -28.65
N GLU A 142 0.74 29.61 -27.75
CA GLU A 142 0.95 30.81 -26.94
C GLU A 142 1.57 31.90 -27.82
N PRO A 143 1.36 33.18 -27.47
CA PRO A 143 1.92 34.27 -28.29
C PRO A 143 3.43 34.35 -28.16
N ALA A 144 4.07 34.70 -29.29
CA ALA A 144 5.49 34.44 -29.46
C ALA A 144 6.37 35.25 -28.50
N ASP A 145 6.26 36.56 -28.53
CA ASP A 145 7.26 37.40 -27.88
C ASP A 145 6.65 38.04 -26.65
N GLN A 146 6.28 37.17 -25.72
CA GLN A 146 5.53 37.53 -24.52
C GLN A 146 6.11 36.74 -23.36
N PRO A 147 6.13 37.34 -22.19
CA PRO A 147 6.55 36.64 -20.98
C PRO A 147 5.48 35.68 -20.48
N LEU A 148 5.89 34.81 -19.55
CA LEU A 148 5.04 33.68 -19.18
C LEU A 148 3.67 34.14 -18.69
N GLU A 149 3.64 35.26 -17.95
CA GLU A 149 2.39 35.69 -17.36
C GLU A 149 1.38 36.03 -18.44
N VAL A 150 1.84 36.42 -19.62
CA VAL A 150 0.96 36.66 -20.76
C VAL A 150 0.71 35.38 -21.54
N GLN A 151 1.76 34.60 -21.74
CA GLN A 151 1.65 33.37 -22.53
C GLN A 151 0.66 32.40 -21.90
N TYR A 152 0.59 32.36 -20.57
CA TYR A 152 -0.28 31.42 -19.85
C TYR A 152 -1.55 32.06 -19.30
N ALA A 153 -1.84 33.31 -19.68
CA ALA A 153 -3.09 33.93 -19.30
C ALA A 153 -4.25 33.36 -20.12
N PRO A 154 -5.48 33.60 -19.69
CA PRO A 154 -6.62 33.10 -20.47
C PRO A 154 -6.66 33.77 -21.83
N ARG A 155 -6.92 32.96 -22.86
CA ARG A 155 -6.90 33.47 -24.22
C ARG A 155 -8.05 33.01 -25.10
N HIS A 156 -8.81 31.98 -24.73
CA HIS A 156 -10.03 31.71 -25.47
C HIS A 156 -11.07 31.09 -24.56
N ALA A 157 -12.31 31.06 -25.05
CA ALA A 157 -13.39 30.49 -24.29
C ALA A 157 -13.35 28.97 -24.36
N MET A 158 -14.14 28.35 -23.48
CA MET A 158 -14.25 26.89 -23.36
C MET A 158 -15.70 26.60 -23.05
N HIS A 159 -16.30 25.73 -23.85
CA HIS A 159 -17.74 25.48 -23.78
C HIS A 159 -17.96 24.06 -23.27
N VAL A 160 -18.57 23.95 -22.07
CA VAL A 160 -18.80 22.63 -21.47
C VAL A 160 -19.96 21.94 -22.16
N GLN A 161 -19.76 20.67 -22.51
CA GLN A 161 -20.83 19.84 -23.08
C GLN A 161 -21.55 19.18 -21.92
N PRO A 162 -22.87 19.35 -21.81
CA PRO A 162 -23.57 18.86 -20.61
C PRO A 162 -23.47 17.36 -20.38
N GLY A 163 -23.69 16.98 -19.12
CA GLY A 163 -23.86 15.58 -18.80
C GLY A 163 -22.64 14.80 -18.35
N GLY A 164 -21.47 15.45 -18.31
CA GLY A 164 -20.25 14.77 -17.98
C GLY A 164 -19.59 15.22 -16.72
N VAL A 165 -18.29 14.96 -16.64
CA VAL A 165 -17.53 15.25 -15.41
C VAL A 165 -17.53 16.75 -15.13
N LEU A 166 -17.22 17.57 -16.13
CA LEU A 166 -17.11 18.99 -15.88
C LEU A 166 -18.44 19.60 -15.44
N ALA A 167 -19.56 19.23 -16.08
CA ALA A 167 -20.85 19.72 -15.61
C ALA A 167 -21.15 19.21 -14.22
N GLY A 168 -20.72 17.98 -13.92
CA GLY A 168 -20.92 17.42 -12.59
C GLY A 168 -20.15 18.14 -11.50
N ILE A 169 -19.00 18.71 -11.85
CA ILE A 169 -18.25 19.57 -10.95
C ILE A 169 -18.93 20.91 -10.75
N GLY A 170 -19.86 21.27 -11.61
CA GLY A 170 -20.58 22.54 -11.53
C GLY A 170 -20.00 23.66 -12.34
N LEU A 171 -19.00 23.38 -13.18
CA LEU A 171 -18.37 24.44 -13.95
C LEU A 171 -19.40 25.11 -14.83
N PRO A 172 -19.21 26.39 -15.13
CA PRO A 172 -20.19 27.11 -15.96
C PRO A 172 -20.19 26.61 -17.40
N SER A 173 -21.26 26.95 -18.11
CA SER A 173 -21.40 26.47 -19.50
C SER A 173 -20.29 27.00 -20.39
N GLU A 174 -19.76 28.19 -20.07
CA GLU A 174 -18.61 28.78 -20.73
C GLU A 174 -17.69 29.37 -19.68
N PHE A 175 -16.38 29.24 -19.91
CA PHE A 175 -15.34 29.88 -19.10
C PHE A 175 -14.08 30.06 -19.93
N GLN A 176 -13.21 30.95 -19.49
CA GLN A 176 -12.00 31.25 -20.24
C GLN A 176 -10.85 30.33 -19.80
N VAL A 177 -9.99 29.97 -20.76
CA VAL A 177 -8.83 29.12 -20.50
C VAL A 177 -7.61 29.64 -21.25
N ASN A 178 -6.43 29.30 -20.75
CA ASN A 178 -5.19 29.50 -21.48
C ASN A 178 -5.05 28.46 -22.59
N SER A 179 -4.04 28.64 -23.43
CA SER A 179 -3.87 27.84 -24.64
C SER A 179 -2.41 27.93 -25.06
N ILE A 180 -1.72 26.83 -24.91
CA ILE A 180 -0.28 26.76 -25.15
C ILE A 180 -0.01 25.50 -25.94
N HIS A 181 -0.69 25.32 -27.07
CA HIS A 181 -0.55 24.03 -27.76
C HIS A 181 -0.64 24.20 -29.27
N GLY A 182 0.27 23.52 -29.96
CA GLY A 182 0.24 23.46 -31.41
C GLY A 182 -0.47 22.24 -31.96
N GLN A 183 -0.60 21.17 -31.17
CA GLN A 183 -1.34 19.98 -31.55
C GLN A 183 -2.69 19.94 -30.84
N GLY A 184 -3.54 19.01 -31.26
CA GLY A 184 -4.87 18.89 -30.70
C GLY A 184 -5.53 17.65 -31.26
N VAL A 185 -6.70 17.37 -30.72
CA VAL A 185 -7.43 16.16 -31.10
C VAL A 185 -7.93 16.32 -32.52
N ASP A 186 -7.75 15.27 -33.33
CA ASP A 186 -8.36 15.14 -34.65
C ASP A 186 -9.56 14.21 -34.51
N ARG A 187 -9.31 12.90 -34.54
CA ARG A 187 -10.38 11.94 -34.27
C ARG A 187 -10.41 11.62 -32.78
N LEU A 188 -11.57 11.82 -32.16
CA LEU A 188 -11.74 11.37 -30.79
C LEU A 188 -11.55 9.85 -30.70
N ALA A 189 -10.94 9.40 -29.62
CA ALA A 189 -10.81 7.98 -29.41
C ALA A 189 -12.17 7.36 -29.10
N PRO A 190 -12.40 6.10 -29.51
CA PRO A 190 -13.59 5.40 -29.01
C PRO A 190 -13.58 5.28 -27.50
N GLY A 191 -14.76 5.38 -26.93
CA GLY A 191 -14.90 5.23 -25.50
C GLY A 191 -14.69 6.49 -24.70
N LEU A 192 -14.50 7.62 -25.37
CA LEU A 192 -14.27 8.88 -24.69
C LEU A 192 -15.47 9.79 -24.86
N ARG A 193 -15.79 10.50 -23.78
CA ARG A 193 -16.86 11.48 -23.78
C ARG A 193 -16.25 12.87 -23.95
N VAL A 194 -16.70 13.60 -24.95
CA VAL A 194 -16.30 14.99 -25.07
C VAL A 194 -16.87 15.78 -23.89
N GLU A 195 -15.99 16.48 -23.18
CA GLU A 195 -16.39 17.29 -22.05
C GLU A 195 -16.45 18.79 -22.34
N ALA A 196 -15.61 19.29 -23.25
CA ALA A 196 -15.64 20.71 -23.57
C ALA A 196 -15.03 20.95 -24.93
N LEU A 197 -15.52 21.98 -25.59
CA LEU A 197 -15.07 22.42 -26.89
C LEU A 197 -14.61 23.88 -26.88
N ALA A 198 -13.47 24.16 -27.54
CA ALA A 198 -13.11 25.54 -27.84
C ALA A 198 -14.12 26.13 -28.80
N PRO A 199 -14.15 27.46 -28.95
CA PRO A 199 -15.24 28.06 -29.77
C PRO A 199 -15.17 27.68 -31.23
N ASP A 200 -13.99 27.29 -31.70
CA ASP A 200 -13.79 26.79 -33.07
C ASP A 200 -14.14 25.33 -33.22
N GLY A 201 -14.65 24.70 -32.17
CA GLY A 201 -15.01 23.30 -32.24
C GLY A 201 -13.95 22.30 -31.85
N LEU A 202 -12.71 22.73 -31.58
CA LEU A 202 -11.67 21.80 -31.16
C LEU A 202 -12.05 21.16 -29.83
N VAL A 203 -11.95 19.84 -29.75
CA VAL A 203 -12.17 19.13 -28.49
C VAL A 203 -11.01 19.45 -27.55
N GLU A 204 -11.33 20.02 -26.37
CA GLU A 204 -10.31 20.42 -25.39
C GLU A 204 -10.51 19.77 -24.03
N ALA A 205 -11.50 18.89 -23.87
CA ALA A 205 -11.57 18.11 -22.65
C ALA A 205 -12.33 16.84 -22.94
N ILE A 206 -11.91 15.76 -22.29
CA ILE A 206 -12.45 14.41 -22.45
C ILE A 206 -12.53 13.71 -21.09
N SER A 207 -13.46 12.75 -21.00
CA SER A 207 -13.47 11.80 -19.88
C SER A 207 -13.67 10.43 -20.47
N VAL A 208 -13.40 9.41 -19.68
CA VAL A 208 -13.45 8.04 -20.15
C VAL A 208 -14.78 7.40 -19.75
N GLU A 209 -15.54 6.97 -20.74
CA GLU A 209 -16.86 6.40 -20.47
C GLU A 209 -16.75 5.09 -19.70
N GLY A 210 -17.50 4.98 -18.61
CA GLY A 210 -17.50 3.76 -17.85
C GLY A 210 -16.33 3.56 -16.92
N ALA A 211 -15.43 4.53 -16.82
CA ALA A 211 -14.30 4.36 -15.93
C ALA A 211 -14.76 4.20 -14.49
N LYS A 212 -14.05 3.34 -13.75
CA LYS A 212 -14.37 3.12 -12.34
C LYS A 212 -14.07 4.36 -11.50
N ALA A 213 -13.09 5.16 -11.92
CA ALA A 213 -12.62 6.28 -11.14
C ALA A 213 -12.46 7.49 -12.05
N PHE A 214 -12.34 8.64 -11.42
CA PHE A 214 -12.05 9.90 -12.11
C PHE A 214 -11.03 9.72 -13.23
N ALA A 215 -11.41 10.21 -14.44
CA ALA A 215 -10.53 10.08 -15.60
C ALA A 215 -10.84 11.24 -16.52
N LEU A 216 -10.04 12.29 -16.43
CA LEU A 216 -10.29 13.54 -17.12
C LEU A 216 -9.01 14.04 -17.77
N GLY A 217 -9.13 14.54 -18.99
CA GLY A 217 -8.03 15.24 -19.65
C GLY A 217 -8.53 16.60 -20.10
N VAL A 218 -7.66 17.61 -19.98
CA VAL A 218 -7.94 18.93 -20.52
C VAL A 218 -6.75 19.43 -21.33
N GLN A 219 -7.05 20.16 -22.40
CA GLN A 219 -6.03 20.63 -23.33
C GLN A 219 -5.38 21.93 -22.86
N TRP A 220 -6.04 22.65 -21.95
CA TRP A 220 -5.46 23.87 -21.41
C TRP A 220 -4.57 23.51 -20.24
N ASN A 221 -4.10 24.50 -19.49
CA ASN A 221 -3.04 24.28 -18.50
C ASN A 221 -3.48 24.79 -17.14
N PRO A 222 -4.37 24.05 -16.46
CA PRO A 222 -4.97 24.52 -15.21
C PRO A 222 -4.01 24.55 -14.06
N GLU A 223 -2.79 24.07 -14.20
CA GLU A 223 -1.82 24.20 -13.12
C GLU A 223 -1.36 25.63 -12.96
N TRP A 224 -1.53 26.46 -14.00
CA TRP A 224 -1.00 27.81 -13.97
C TRP A 224 -1.77 28.67 -12.98
N GLN A 225 -1.06 29.13 -11.94
CA GLN A 225 -1.68 29.98 -10.91
C GLN A 225 -3.01 29.40 -10.42
N VAL A 226 -2.98 28.09 -10.16
CA VAL A 226 -4.21 27.36 -9.91
C VAL A 226 -4.93 27.93 -8.70
N LEU A 227 -4.18 28.36 -7.68
CA LEU A 227 -4.84 28.78 -6.45
C LEU A 227 -5.73 29.99 -6.61
N THR A 228 -5.47 30.84 -7.60
CA THR A 228 -6.25 32.06 -7.78
C THR A 228 -7.12 32.02 -9.02
N ASN A 229 -7.30 30.83 -9.59
CA ASN A 229 -8.23 30.65 -10.70
C ASN A 229 -9.22 29.55 -10.37
N PRO A 230 -10.41 29.90 -9.86
CA PRO A 230 -11.33 28.86 -9.42
C PRO A 230 -11.75 27.86 -10.48
N ASN A 231 -11.82 28.26 -11.75
CA ASN A 231 -12.17 27.26 -12.75
C ASN A 231 -11.09 26.19 -12.88
N TYR A 232 -9.82 26.56 -12.69
CA TYR A 232 -8.71 25.60 -12.71
C TYR A 232 -8.66 24.82 -11.39
N LEU A 233 -8.83 25.56 -10.29
CA LEU A 233 -8.77 24.94 -8.96
C LEU A 233 -9.83 23.87 -8.79
N ALA A 234 -11.02 24.08 -9.35
CA ALA A 234 -12.09 23.10 -9.24
C ALA A 234 -11.67 21.76 -9.84
N ILE A 235 -10.92 21.79 -10.93
CA ILE A 235 -10.47 20.54 -11.54
C ILE A 235 -9.49 19.83 -10.62
N PHE A 236 -8.49 20.56 -10.11
CA PHE A 236 -7.55 19.94 -9.19
C PHE A 236 -8.23 19.49 -7.90
N GLN A 237 -9.26 20.21 -7.42
CA GLN A 237 -9.94 19.77 -6.21
C GLN A 237 -10.70 18.48 -6.45
N ALA A 238 -11.32 18.36 -7.61
CA ALA A 238 -12.05 17.15 -7.96
C ALA A 238 -11.10 15.97 -8.09
N PHE A 239 -9.98 16.19 -8.80
CA PHE A 239 -8.92 15.18 -8.89
C PHE A 239 -8.43 14.79 -7.52
N GLY A 240 -8.16 15.77 -6.66
CA GLY A 240 -7.63 15.45 -5.36
C GLY A 240 -8.59 14.65 -4.52
N LYS A 241 -9.89 14.95 -4.60
CA LYS A 241 -10.91 14.19 -3.88
C LYS A 241 -10.92 12.74 -4.35
N ALA A 242 -10.80 12.51 -5.66
CA ALA A 242 -10.76 11.14 -6.18
C ALA A 242 -9.54 10.38 -5.67
N CYS A 243 -8.38 11.05 -5.66
CA CYS A 243 -7.17 10.44 -5.15
C CYS A 243 -7.30 10.12 -3.67
N SER A 244 -7.93 11.02 -2.92
CA SER A 244 -8.10 10.76 -1.50
C SER A 244 -9.01 9.56 -1.27
N LYS A 245 -10.04 9.39 -2.10
CA LYS A 245 -10.88 8.21 -1.96
C LYS A 245 -10.06 6.95 -2.13
N ARG A 246 -9.20 6.91 -3.16
CA ARG A 246 -8.33 5.75 -3.33
C ARG A 246 -7.41 5.56 -2.14
N ALA A 247 -6.80 6.64 -1.64
CA ALA A 247 -5.91 6.51 -0.50
C ALA A 247 -6.64 5.93 0.70
N GLY A 248 -7.93 6.21 0.84
CA GLY A 248 -8.71 5.69 1.95
C GLY A 248 -8.98 4.20 1.87
N GLN A 249 -8.73 3.57 0.74
CA GLN A 249 -8.76 2.12 0.66
C GLN A 249 -7.41 1.47 0.95
N ARG A 250 -6.46 2.22 1.51
CA ARG A 250 -5.17 1.64 1.88
C ARG A 250 -5.13 1.20 3.34
N LEU B 4 7.13 -4.53 -4.85
CA LEU B 4 8.31 -3.69 -4.89
C LEU B 4 8.27 -2.57 -3.86
N PRO B 5 9.37 -2.37 -3.13
CA PRO B 5 9.41 -1.20 -2.23
C PRO B 5 9.46 0.10 -3.02
N LEU B 6 8.78 1.11 -2.48
CA LEU B 6 8.80 2.46 -3.02
C LEU B 6 10.04 3.17 -2.47
N ILE B 7 11.00 3.47 -3.33
CA ILE B 7 12.24 4.12 -2.91
C ILE B 7 12.21 5.52 -3.48
N GLY B 8 12.21 6.51 -2.58
CA GLY B 8 12.24 7.88 -3.02
C GLY B 8 13.67 8.30 -3.31
N VAL B 9 13.84 9.02 -4.41
CA VAL B 9 15.12 9.48 -4.91
C VAL B 9 15.09 10.99 -4.92
N THR B 10 16.10 11.62 -4.31
CA THR B 10 16.09 13.06 -4.19
C THR B 10 16.28 13.76 -5.54
N ALA B 11 15.44 14.77 -5.81
CA ALA B 11 15.65 15.64 -6.95
C ALA B 11 16.60 16.81 -6.67
N CYS B 12 17.24 17.29 -7.73
CA CYS B 12 17.90 18.59 -7.81
C CYS B 12 16.95 19.55 -8.53
N THR B 13 17.15 20.86 -8.32
CA THR B 13 16.39 21.83 -9.10
C THR B 13 17.24 22.34 -10.26
N LYS B 14 16.57 22.79 -11.31
CA LYS B 14 17.26 23.36 -12.45
C LYS B 14 16.29 24.18 -13.28
N GLN B 15 16.74 25.36 -13.68
CA GLN B 15 16.01 26.17 -14.66
C GLN B 15 16.34 25.66 -16.06
N ILE B 16 15.31 25.22 -16.80
CA ILE B 16 15.52 24.70 -18.14
C ILE B 16 14.68 25.55 -19.06
N GLY B 17 15.34 26.41 -19.82
CA GLY B 17 14.63 27.36 -20.64
C GLY B 17 13.82 28.31 -19.78
N LEU B 18 12.51 28.30 -20.02
CA LEU B 18 11.63 29.29 -19.41
C LEU B 18 11.19 28.90 -18.01
N HIS B 19 11.34 27.64 -17.65
CA HIS B 19 10.61 27.07 -16.53
C HIS B 19 11.53 26.43 -15.50
N PRO B 20 11.13 26.43 -14.24
CA PRO B 20 11.86 25.65 -13.24
C PRO B 20 11.40 24.20 -13.23
N TYR B 21 12.39 23.30 -13.08
CA TYR B 21 12.19 21.86 -13.04
C TYR B 21 12.82 21.24 -11.80
N HIS B 22 12.34 20.04 -11.50
CA HIS B 22 12.94 19.13 -10.54
C HIS B 22 13.45 17.95 -11.31
N ILE B 23 14.74 17.59 -11.09
CA ILE B 23 15.42 16.61 -11.96
C ILE B 23 16.11 15.54 -11.16
N ALA B 24 16.26 14.37 -11.75
CA ALA B 24 17.07 13.32 -11.15
C ALA B 24 17.75 12.49 -12.23
N GLY B 25 18.97 12.02 -11.91
CA GLY B 25 19.76 11.30 -12.90
C GLY B 25 19.25 9.89 -13.15
N ASP B 26 19.10 9.58 -14.44
CA ASP B 26 18.74 8.24 -14.89
C ASP B 26 19.56 7.14 -14.21
N LYS B 27 20.87 7.34 -14.03
CA LYS B 27 21.65 6.20 -13.53
C LYS B 27 21.30 5.86 -12.10
N TYR B 28 20.87 6.84 -11.30
CA TYR B 28 20.46 6.53 -9.94
C TYR B 28 19.17 5.73 -9.95
N LEU B 29 18.24 6.10 -10.84
CA LEU B 29 16.95 5.41 -10.92
C LEU B 29 17.13 3.98 -11.42
N ARG B 30 18.00 3.78 -12.41
CA ARG B 30 18.25 2.44 -12.90
C ARG B 30 18.94 1.59 -11.87
N ALA B 31 19.80 2.18 -11.04
CA ALA B 31 20.40 1.39 -9.98
C ALA B 31 19.38 0.96 -8.93
N VAL B 32 18.40 1.81 -8.62
CA VAL B 32 17.34 1.40 -7.71
C VAL B 32 16.62 0.21 -8.29
N VAL B 33 16.35 0.24 -9.60
CA VAL B 33 15.63 -0.87 -10.22
C VAL B 33 16.51 -2.12 -10.25
N ASN B 34 17.71 -1.99 -10.80
CA ASN B 34 18.54 -3.17 -11.09
C ASN B 34 19.28 -3.67 -9.87
N GLY B 35 19.62 -2.79 -8.93
CA GLY B 35 20.40 -3.16 -7.79
C GLY B 35 19.61 -3.34 -6.51
N ALA B 36 18.65 -2.46 -6.23
CA ALA B 36 17.89 -2.56 -5.01
C ALA B 36 16.55 -3.27 -5.19
N GLY B 37 16.14 -3.55 -6.42
CA GLY B 37 14.88 -4.22 -6.61
C GLY B 37 13.69 -3.39 -6.25
N GLY B 38 13.81 -2.07 -6.35
CA GLY B 38 12.77 -1.17 -5.92
C GLY B 38 12.09 -0.44 -7.07
N LEU B 39 11.10 0.33 -6.68
CA LEU B 39 10.40 1.23 -7.59
C LEU B 39 10.87 2.64 -7.28
N PRO B 40 11.64 3.29 -8.16
CA PRO B 40 12.15 4.63 -7.86
C PRO B 40 11.11 5.67 -8.25
N LEU B 41 10.76 6.51 -7.28
CA LEU B 41 9.97 7.70 -7.54
C LEU B 41 10.76 8.90 -7.02
N ILE B 42 10.74 10.00 -7.76
CA ILE B 42 11.60 11.14 -7.49
C ILE B 42 10.89 12.09 -6.54
N ILE B 43 11.60 12.46 -5.47
CA ILE B 43 11.09 13.37 -4.46
C ILE B 43 11.42 14.80 -4.89
N PRO B 44 10.45 15.64 -5.16
CA PRO B 44 10.75 17.01 -5.57
C PRO B 44 11.43 17.78 -4.45
N ALA B 45 12.22 18.78 -4.83
CA ALA B 45 12.90 19.64 -3.86
C ALA B 45 12.01 20.82 -3.47
N LEU B 46 10.95 20.51 -2.72
CA LEU B 46 9.96 21.50 -2.34
C LEU B 46 10.12 21.97 -0.91
N GLY B 47 11.12 21.47 -0.18
CA GLY B 47 11.36 21.96 1.17
C GLY B 47 10.14 21.81 2.04
N GLU B 48 9.82 22.88 2.78
CA GLU B 48 8.73 22.83 3.76
C GLU B 48 7.36 22.93 3.12
N SER B 49 7.28 23.12 1.80
CA SER B 49 5.98 23.17 1.15
C SER B 49 5.22 21.85 1.27
N ILE B 50 5.96 20.75 1.46
CA ILE B 50 5.41 19.40 1.59
C ILE B 50 5.30 19.06 3.07
N ASP B 51 4.30 18.27 3.44
CA ASP B 51 4.29 17.69 4.78
C ASP B 51 5.34 16.58 4.81
N GLN B 52 6.47 16.87 5.44
CA GLN B 52 7.56 15.91 5.50
C GLN B 52 7.13 14.60 6.13
N ALA B 53 6.31 14.66 7.18
CA ALA B 53 5.92 13.44 7.87
C ALA B 53 5.10 12.53 6.96
N ALA B 54 4.23 13.14 6.16
CA ALA B 54 3.44 12.37 5.20
C ALA B 54 4.33 11.78 4.13
N LEU B 55 5.32 12.54 3.68
CA LEU B 55 6.26 12.02 2.68
C LEU B 55 6.98 10.79 3.21
N LEU B 56 7.44 10.85 4.46
CA LEU B 56 8.15 9.72 5.04
C LEU B 56 7.25 8.52 5.17
N ASP B 57 6.00 8.74 5.58
CA ASP B 57 5.08 7.63 5.73
C ASP B 57 4.83 6.93 4.40
N SER B 58 4.98 7.65 3.30
CA SER B 58 4.65 7.11 1.99
C SER B 58 5.79 6.35 1.31
N VAL B 59 7.02 6.43 1.82
CA VAL B 59 8.12 5.75 1.15
C VAL B 59 8.65 4.62 2.02
N ASP B 60 9.29 3.64 1.35
CA ASP B 60 9.92 2.51 2.00
C ASP B 60 11.42 2.70 2.15
N GLY B 61 11.99 3.73 1.54
CA GLY B 61 13.39 4.06 1.70
C GLY B 61 13.70 5.31 0.91
N LEU B 62 14.89 5.86 1.16
CA LEU B 62 15.30 7.12 0.54
C LEU B 62 16.72 6.97 0.02
N LEU B 63 16.90 7.33 -1.25
CA LEU B 63 18.23 7.49 -1.85
C LEU B 63 18.54 8.96 -2.01
N PHE B 64 19.56 9.45 -1.30
CA PHE B 64 20.06 10.81 -1.45
C PHE B 64 21.17 10.78 -2.47
N THR B 65 20.91 11.31 -3.66
CA THR B 65 21.78 11.16 -4.82
C THR B 65 22.98 12.08 -4.76
N GLY B 66 23.93 11.84 -5.67
CA GLY B 66 24.96 12.80 -5.94
C GLY B 66 24.41 13.95 -6.79
N SER B 67 25.23 14.96 -6.91
CA SER B 67 24.93 16.14 -7.72
C SER B 67 26.19 16.96 -7.94
N PRO B 68 26.26 17.69 -9.05
CA PRO B 68 27.38 18.65 -9.19
C PRO B 68 27.32 19.77 -8.18
N SER B 69 26.18 20.03 -7.58
CA SER B 69 26.09 21.13 -6.63
C SER B 69 26.67 20.72 -5.27
N ASN B 70 26.87 21.74 -4.42
CA ASN B 70 27.55 21.59 -3.13
C ASN B 70 26.68 22.15 -2.02
N VAL B 71 26.67 21.46 -0.88
CA VAL B 71 25.90 21.92 0.27
C VAL B 71 26.40 23.30 0.62
N GLU B 72 25.45 24.23 0.88
CA GLU B 72 25.88 25.59 1.21
C GLU B 72 26.60 25.57 2.57
N PRO B 73 27.72 26.28 2.68
CA PRO B 73 28.57 26.12 3.88
C PRO B 73 27.94 26.68 5.14
N ARG B 74 26.96 27.60 5.01
CA ARG B 74 26.28 28.11 6.20
C ARG B 74 25.68 27.00 7.05
N HIS B 75 25.36 25.84 6.46
CA HIS B 75 24.74 24.78 7.24
C HIS B 75 25.70 24.07 8.19
N TYR B 76 27.02 24.29 8.05
CA TYR B 76 28.00 23.74 8.99
C TYR B 76 28.94 24.84 9.46
N SER B 77 28.51 26.10 9.35
CA SER B 77 29.29 27.25 9.82
C SER B 77 30.66 27.31 9.16
N GLY B 78 30.70 26.96 7.87
CA GLY B 78 31.93 26.97 7.13
C GLY B 78 32.20 28.31 6.50
N PRO B 79 33.39 28.47 5.93
CA PRO B 79 33.71 29.72 5.23
C PRO B 79 32.90 29.84 3.95
N ALA B 80 32.62 31.09 3.56
CA ALA B 80 31.88 31.35 2.33
C ALA B 80 32.53 30.61 1.16
N SER B 81 31.70 30.10 0.25
CA SER B 81 32.24 29.35 -0.88
C SER B 81 32.87 30.31 -1.88
N GLU B 82 33.83 29.80 -2.64
CA GLU B 82 34.49 30.59 -3.65
C GLU B 82 33.47 31.02 -4.71
N PRO B 83 33.62 32.22 -5.28
CA PRO B 83 32.72 32.63 -6.38
C PRO B 83 32.75 31.61 -7.51
N GLY B 84 31.56 31.28 -8.00
CA GLY B 84 31.40 30.29 -9.04
C GLY B 84 30.94 28.94 -8.53
N THR B 85 31.01 28.71 -7.22
CA THR B 85 30.61 27.41 -6.66
C THR B 85 29.13 27.15 -6.91
N LEU B 86 28.84 25.95 -7.41
CA LEU B 86 27.46 25.54 -7.66
C LEU B 86 26.78 25.19 -6.35
N HIS B 87 25.58 25.74 -6.14
CA HIS B 87 24.77 25.41 -5.00
C HIS B 87 23.36 25.10 -5.50
N ASP B 88 22.55 24.52 -4.60
CA ASP B 88 21.16 24.18 -4.87
C ASP B 88 20.41 24.37 -3.54
N SER B 89 20.02 25.63 -3.28
CA SER B 89 19.45 25.94 -1.98
C SER B 89 18.15 25.17 -1.76
N ASP B 90 17.34 25.01 -2.82
CA ASP B 90 16.08 24.29 -2.67
C ASP B 90 16.31 22.83 -2.30
N ARG B 91 17.34 22.19 -2.87
CA ARG B 91 17.67 20.84 -2.46
C ARG B 91 18.11 20.81 -1.01
N ASP B 92 19.03 21.70 -0.61
CA ASP B 92 19.48 21.72 0.79
C ASP B 92 18.27 21.83 1.73
N ALA B 93 17.31 22.68 1.36
CA ALA B 93 16.15 22.90 2.23
C ALA B 93 15.28 21.68 2.34
N THR B 94 15.32 20.80 1.35
CA THR B 94 14.62 19.54 1.39
C THR B 94 15.42 18.45 2.10
N THR B 95 16.67 18.25 1.73
CA THR B 95 17.35 17.02 2.14
C THR B 95 17.86 17.07 3.57
N LEU B 96 18.33 18.22 4.06
CA LEU B 96 18.97 18.18 5.38
C LEU B 96 17.96 17.86 6.46
N PRO B 97 16.78 18.47 6.49
CA PRO B 97 15.78 18.01 7.46
C PRO B 97 15.26 16.62 7.20
N LEU B 98 15.18 16.20 5.94
CA LEU B 98 14.64 14.89 5.63
C LEU B 98 15.52 13.77 6.15
N VAL B 99 16.85 13.92 6.06
CA VAL B 99 17.79 12.92 6.55
C VAL B 99 17.52 12.62 8.01
N ARG B 100 17.48 13.68 8.83
CA ARG B 100 17.32 13.50 10.27
C ARG B 100 15.99 12.86 10.58
N ALA B 101 14.93 13.29 9.89
CA ALA B 101 13.60 12.76 10.16
C ALA B 101 13.48 11.31 9.70
N ALA B 102 14.09 10.97 8.56
CA ALA B 102 14.01 9.60 8.09
C ALA B 102 14.71 8.67 9.06
N ILE B 103 15.89 9.05 9.52
CA ILE B 103 16.60 8.15 10.41
C ILE B 103 15.84 7.99 11.72
N ASP B 104 15.22 9.06 12.21
CA ASP B 104 14.47 8.92 13.46
C ASP B 104 13.23 8.05 13.29
N ALA B 105 12.59 8.14 12.13
CA ALA B 105 11.39 7.35 11.87
C ALA B 105 11.69 5.93 11.39
N GLY B 106 12.96 5.56 11.22
CA GLY B 106 13.30 4.23 10.76
C GLY B 106 13.07 3.95 9.29
N ILE B 107 13.17 4.96 8.44
CA ILE B 107 13.11 4.77 6.99
C ILE B 107 14.55 4.54 6.50
N PRO B 108 14.83 3.40 5.86
CA PRO B 108 16.18 3.16 5.33
C PRO B 108 16.68 4.32 4.47
N VAL B 109 17.98 4.63 4.62
CA VAL B 109 18.62 5.73 3.91
C VAL B 109 19.93 5.24 3.32
N LEU B 110 20.15 5.54 2.04
CA LEU B 110 21.43 5.37 1.35
C LEU B 110 21.81 6.72 0.79
N GLY B 111 22.95 7.28 1.20
CA GLY B 111 23.46 8.51 0.66
C GLY B 111 24.67 8.23 -0.23
N ILE B 112 24.67 8.88 -1.40
CA ILE B 112 25.73 8.77 -2.40
C ILE B 112 26.35 10.12 -2.67
N CYS B 113 27.68 10.22 -2.48
CA CYS B 113 28.49 11.39 -2.82
C CYS B 113 27.93 12.66 -2.18
N ARG B 114 27.32 13.57 -2.93
CA ARG B 114 26.66 14.70 -2.28
C ARG B 114 25.71 14.27 -1.15
N GLY B 115 24.99 13.16 -1.35
CA GLY B 115 24.05 12.69 -0.33
C GLY B 115 24.74 12.20 0.93
N PHE B 116 25.93 11.62 0.79
CA PHE B 116 26.76 11.27 1.94
C PHE B 116 27.23 12.53 2.66
N GLN B 117 27.64 13.53 1.91
CA GLN B 117 28.02 14.82 2.49
C GLN B 117 26.85 15.45 3.24
N GLU B 118 25.64 15.35 2.66
CA GLU B 118 24.41 15.82 3.31
C GLU B 118 24.20 15.14 4.66
N MET B 119 24.37 13.80 4.71
CA MET B 119 24.24 13.06 5.96
C MET B 119 25.20 13.60 7.00
N ASN B 120 26.48 13.79 6.62
CA ASN B 120 27.42 14.31 7.62
C ASN B 120 26.98 15.70 8.11
N VAL B 121 26.60 16.61 7.19
CA VAL B 121 26.23 17.96 7.61
C VAL B 121 24.95 17.93 8.43
N ALA B 122 23.98 17.11 8.04
CA ALA B 122 22.69 17.11 8.72
C ALA B 122 22.82 16.71 10.18
N PHE B 123 23.82 15.90 10.53
CA PHE B 123 24.00 15.47 11.90
C PHE B 123 25.04 16.27 12.65
N GLY B 124 25.53 17.37 12.05
CA GLY B 124 26.39 18.30 12.75
C GLY B 124 27.85 18.30 12.36
N GLY B 125 28.22 17.61 11.28
CA GLY B 125 29.58 17.62 10.79
C GLY B 125 29.81 18.73 9.80
N SER B 126 31.04 18.76 9.27
CA SER B 126 31.48 19.81 8.38
C SER B 126 32.20 19.19 7.20
N LEU B 127 32.39 20.01 6.16
CA LEU B 127 33.07 19.59 4.95
C LEU B 127 34.31 20.41 4.63
N HIS B 128 35.28 19.75 3.97
CA HIS B 128 36.32 20.43 3.22
C HIS B 128 35.75 20.81 1.87
N GLN B 129 35.82 22.10 1.50
CA GLN B 129 35.21 22.47 0.23
C GLN B 129 36.08 22.19 -0.99
N LYS B 130 37.41 22.06 -0.79
CA LYS B 130 38.31 21.65 -1.86
C LYS B 130 39.33 20.63 -1.31
N VAL B 131 38.95 19.34 -1.32
CA VAL B 131 39.83 18.32 -0.74
C VAL B 131 41.18 18.37 -1.40
N HIS B 132 41.19 18.60 -2.72
CA HIS B 132 42.43 18.60 -3.48
C HIS B 132 43.36 19.77 -3.16
N GLU B 133 42.93 20.76 -2.38
CA GLU B 133 43.79 21.86 -1.98
C GLU B 133 44.11 21.84 -0.50
N VAL B 134 43.58 20.87 0.23
CA VAL B 134 43.85 20.79 1.67
C VAL B 134 45.31 20.49 1.94
N GLY B 135 45.93 19.64 1.14
CA GLY B 135 47.25 19.08 1.42
C GLY B 135 47.13 17.68 1.98
N THR B 136 48.08 16.79 1.61
CA THR B 136 48.16 15.40 2.04
C THR B 136 47.08 14.53 1.38
N PHE B 137 45.82 14.93 1.47
CA PHE B 137 44.75 14.21 0.78
C PHE B 137 45.01 14.20 -0.73
N MET B 138 44.60 13.11 -1.36
CA MET B 138 44.68 13.00 -2.81
C MET B 138 43.72 14.01 -3.44
N ASP B 139 43.87 14.18 -4.76
CA ASP B 139 42.84 14.78 -5.59
C ASP B 139 41.78 13.72 -5.86
N HIS B 140 40.58 13.95 -5.32
CA HIS B 140 39.49 12.99 -5.44
C HIS B 140 38.53 13.27 -6.57
N ARG B 141 38.80 14.29 -7.36
CA ARG B 141 37.95 14.68 -8.46
C ARG B 141 38.13 13.71 -9.63
N GLU B 142 37.09 13.62 -10.46
CA GLU B 142 37.15 12.83 -11.67
C GLU B 142 38.00 13.54 -12.71
N PRO B 143 38.58 12.79 -13.63
CA PRO B 143 39.38 13.40 -14.70
C PRO B 143 38.50 14.21 -15.66
N ALA B 144 39.01 15.37 -16.05
CA ALA B 144 38.27 16.24 -16.95
C ALA B 144 38.36 15.74 -18.38
N ASP B 145 37.34 16.09 -19.18
CA ASP B 145 37.30 15.82 -20.62
C ASP B 145 37.47 14.33 -20.92
N GLN B 146 36.75 13.52 -20.19
CA GLN B 146 36.71 12.09 -20.42
C GLN B 146 35.24 11.67 -20.43
N PRO B 147 34.92 10.62 -21.19
CA PRO B 147 33.57 10.07 -21.15
C PRO B 147 33.28 9.51 -19.77
N LEU B 148 31.98 9.29 -19.56
CA LEU B 148 31.49 8.80 -18.27
C LEU B 148 32.18 7.51 -17.84
N GLU B 149 32.40 6.59 -18.79
CA GLU B 149 33.01 5.31 -18.44
C GLU B 149 34.37 5.50 -17.79
N VAL B 150 35.14 6.50 -18.20
CA VAL B 150 36.42 6.79 -17.60
C VAL B 150 36.26 7.55 -16.29
N GLN B 151 35.41 8.57 -16.29
CA GLN B 151 35.17 9.36 -15.09
C GLN B 151 34.72 8.50 -13.93
N TYR B 152 33.90 7.48 -14.19
CA TYR B 152 33.28 6.66 -13.15
C TYR B 152 33.99 5.30 -12.96
N ALA B 153 35.17 5.12 -13.56
CA ALA B 153 35.92 3.88 -13.37
C ALA B 153 36.55 3.86 -11.98
N PRO B 154 36.90 2.69 -11.48
CA PRO B 154 37.59 2.60 -10.18
C PRO B 154 38.91 3.36 -10.23
N ARG B 155 39.15 4.19 -9.20
CA ARG B 155 40.35 5.01 -9.21
C ARG B 155 41.15 5.05 -7.92
N HIS B 156 40.57 4.70 -6.77
CA HIS B 156 41.40 4.58 -5.57
C HIS B 156 40.83 3.50 -4.65
N ALA B 157 41.69 3.07 -3.74
CA ALA B 157 41.32 2.03 -2.83
C ALA B 157 40.36 2.52 -1.76
N MET B 158 39.78 1.58 -1.04
CA MET B 158 38.82 1.88 0.01
C MET B 158 38.96 0.83 1.08
N HIS B 159 39.14 1.27 2.31
CA HIS B 159 39.50 0.37 3.42
C HIS B 159 38.37 0.28 4.43
N VAL B 160 37.75 -0.89 4.48
CA VAL B 160 36.57 -1.10 5.32
C VAL B 160 37.02 -1.16 6.76
N GLN B 161 36.30 -0.45 7.64
CA GLN B 161 36.56 -0.50 9.09
C GLN B 161 35.70 -1.60 9.69
N PRO B 162 36.28 -2.56 10.42
CA PRO B 162 35.50 -3.70 10.89
C PRO B 162 34.35 -3.30 11.81
N GLY B 163 33.34 -4.17 11.85
CA GLY B 163 32.32 -4.10 12.87
C GLY B 163 31.11 -3.27 12.52
N GLY B 164 31.03 -2.76 11.29
CA GLY B 164 29.89 -1.95 10.92
C GLY B 164 29.07 -2.55 9.80
N VAL B 165 28.33 -1.66 9.11
CA VAL B 165 27.40 -2.10 8.08
C VAL B 165 28.15 -2.77 6.93
N LEU B 166 29.24 -2.15 6.48
CA LEU B 166 29.91 -2.67 5.28
C LEU B 166 30.55 -4.03 5.55
N ALA B 167 31.17 -4.18 6.72
CA ALA B 167 31.68 -5.49 7.11
C ALA B 167 30.53 -6.49 7.23
N GLY B 168 29.41 -6.04 7.78
CA GLY B 168 28.29 -6.95 7.97
C GLY B 168 27.68 -7.45 6.67
N ILE B 169 27.74 -6.65 5.60
CA ILE B 169 27.22 -7.15 4.33
C ILE B 169 28.26 -7.97 3.59
N GLY B 170 29.48 -8.07 4.11
CA GLY B 170 30.47 -8.96 3.57
C GLY B 170 31.36 -8.38 2.50
N LEU B 171 31.54 -7.07 2.48
CA LEU B 171 32.47 -6.48 1.54
C LEU B 171 33.91 -6.86 1.91
N PRO B 172 34.81 -6.94 0.92
CA PRO B 172 36.20 -7.24 1.23
C PRO B 172 36.80 -6.13 2.09
N SER B 173 37.89 -6.50 2.78
CA SER B 173 38.59 -5.53 3.62
C SER B 173 39.08 -4.33 2.82
N GLU B 174 39.52 -4.54 1.60
CA GLU B 174 39.91 -3.45 0.70
C GLU B 174 39.26 -3.73 -0.65
N PHE B 175 38.71 -2.69 -1.27
CA PHE B 175 38.21 -2.78 -2.64
C PHE B 175 38.39 -1.40 -3.27
N GLN B 176 38.32 -1.36 -4.60
CA GLN B 176 38.53 -0.13 -5.34
C GLN B 176 37.21 0.58 -5.59
N VAL B 177 37.24 1.90 -5.53
CA VAL B 177 36.04 2.70 -5.78
C VAL B 177 36.35 3.83 -6.78
N ASN B 178 35.30 4.30 -7.44
CA ASN B 178 35.39 5.50 -8.25
C ASN B 178 35.44 6.74 -7.34
N SER B 179 35.74 7.89 -7.93
CA SER B 179 35.90 9.09 -7.10
C SER B 179 35.58 10.25 -8.03
N ILE B 180 34.49 10.95 -7.71
CA ILE B 180 33.97 12.06 -8.51
C ILE B 180 33.57 13.17 -7.55
N HIS B 181 34.50 13.62 -6.69
CA HIS B 181 34.13 14.61 -5.71
C HIS B 181 35.26 15.58 -5.41
N GLY B 182 34.88 16.86 -5.23
CA GLY B 182 35.81 17.90 -4.88
C GLY B 182 35.70 18.27 -3.41
N GLN B 183 34.61 17.88 -2.76
CA GLN B 183 34.42 18.12 -1.33
C GLN B 183 34.52 16.78 -0.60
N GLY B 184 34.60 16.85 0.72
CA GLY B 184 34.72 15.66 1.55
C GLY B 184 34.54 16.05 3.00
N VAL B 185 34.48 15.01 3.83
CA VAL B 185 34.22 15.20 5.25
C VAL B 185 35.44 15.83 5.92
N ASP B 186 35.18 16.86 6.73
CA ASP B 186 36.19 17.47 7.57
C ASP B 186 35.89 17.00 8.97
N ARG B 187 35.04 17.69 9.73
CA ARG B 187 34.63 17.18 11.04
C ARG B 187 33.51 16.16 10.86
N LEU B 188 33.73 14.96 11.37
CA LEU B 188 32.71 13.95 11.41
C LEU B 188 31.64 14.31 12.42
N ALA B 189 30.40 14.17 12.00
CA ALA B 189 29.28 14.48 12.88
C ALA B 189 29.26 13.53 14.09
N PRO B 190 28.91 14.02 15.28
CA PRO B 190 28.69 13.09 16.39
C PRO B 190 27.63 12.06 16.04
N GLY B 191 27.81 10.85 16.56
CA GLY B 191 26.86 9.79 16.36
C GLY B 191 27.02 9.01 15.07
N LEU B 192 28.06 9.29 14.30
CA LEU B 192 28.33 8.58 13.06
C LEU B 192 29.51 7.64 13.25
N ARG B 193 29.35 6.42 12.73
CA ARG B 193 30.39 5.41 12.74
C ARG B 193 31.15 5.48 11.43
N VAL B 194 32.48 5.43 11.50
CA VAL B 194 33.28 5.39 10.27
C VAL B 194 33.22 4.00 9.69
N GLU B 195 32.78 3.91 8.46
CA GLU B 195 32.63 2.64 7.78
C GLU B 195 33.77 2.35 6.84
N ALA B 196 34.36 3.37 6.24
CA ALA B 196 35.49 3.12 5.35
C ALA B 196 36.31 4.38 5.18
N LEU B 197 37.61 4.17 4.94
CA LEU B 197 38.58 5.22 4.76
C LEU B 197 39.33 5.04 3.43
N ALA B 198 39.53 6.15 2.70
CA ALA B 198 40.40 6.17 1.57
C ALA B 198 41.85 6.03 2.05
N PRO B 199 42.78 5.72 1.15
CA PRO B 199 44.17 5.48 1.59
C PRO B 199 44.87 6.71 2.10
N ASP B 200 44.34 7.91 1.86
CA ASP B 200 44.89 9.14 2.41
C ASP B 200 44.23 9.52 3.73
N GLY B 201 43.38 8.65 4.26
CA GLY B 201 42.67 8.90 5.51
C GLY B 201 41.35 9.61 5.38
N LEU B 202 40.96 10.04 4.18
CA LEU B 202 39.67 10.69 4.04
C LEU B 202 38.52 9.73 4.38
N VAL B 203 37.59 10.21 5.19
CA VAL B 203 36.42 9.40 5.52
C VAL B 203 35.51 9.35 4.29
N GLU B 204 35.22 8.14 3.82
CA GLU B 204 34.39 7.95 2.62
C GLU B 204 33.18 7.06 2.84
N ALA B 205 32.95 6.55 4.06
CA ALA B 205 31.65 5.96 4.32
C ALA B 205 31.35 6.08 5.79
N ILE B 206 30.07 6.19 6.11
CA ILE B 206 29.59 6.39 7.46
C ILE B 206 28.28 5.65 7.64
N SER B 207 27.98 5.29 8.90
CA SER B 207 26.65 4.79 9.25
C SER B 207 26.21 5.52 10.50
N VAL B 208 24.90 5.51 10.76
CA VAL B 208 24.32 6.28 11.85
C VAL B 208 24.18 5.32 13.03
N GLU B 209 24.91 5.59 14.11
CA GLU B 209 24.92 4.66 15.23
C GLU B 209 23.56 4.62 15.91
N GLY B 210 23.14 3.42 16.28
CA GLY B 210 21.88 3.22 16.94
C GLY B 210 20.66 3.43 16.07
N ALA B 211 20.84 3.68 14.76
CA ALA B 211 19.70 3.85 13.88
C ALA B 211 18.84 2.59 13.90
N LYS B 212 17.52 2.81 13.84
CA LYS B 212 16.58 1.71 13.84
C LYS B 212 16.62 0.93 12.53
N ALA B 213 17.00 1.59 11.44
CA ALA B 213 17.03 0.95 10.13
C ALA B 213 18.32 1.33 9.41
N PHE B 214 18.56 0.63 8.32
CA PHE B 214 19.71 0.85 7.44
C PHE B 214 19.94 2.34 7.24
N ALA B 215 21.18 2.78 7.48
CA ALA B 215 21.49 4.21 7.41
C ALA B 215 22.97 4.35 7.05
N LEU B 216 23.23 4.37 5.74
CA LEU B 216 24.59 4.32 5.21
C LEU B 216 24.82 5.43 4.21
N GLY B 217 25.99 6.04 4.26
CA GLY B 217 26.40 6.98 3.23
C GLY B 217 27.78 6.61 2.74
N VAL B 218 27.98 6.74 1.44
CA VAL B 218 29.27 6.49 0.81
C VAL B 218 29.63 7.65 -0.12
N GLN B 219 30.94 7.99 -0.15
CA GLN B 219 31.46 9.16 -0.89
C GLN B 219 31.66 8.84 -2.37
N TRP B 220 31.80 7.56 -2.70
CA TRP B 220 31.93 7.13 -4.09
C TRP B 220 30.53 7.03 -4.71
N ASN B 221 30.44 6.50 -5.94
CA ASN B 221 29.24 6.49 -6.74
C ASN B 221 28.93 5.06 -7.15
N PRO B 222 28.32 4.28 -6.27
CA PRO B 222 28.07 2.87 -6.55
C PRO B 222 26.88 2.64 -7.45
N GLU B 223 26.16 3.69 -7.85
CA GLU B 223 25.09 3.48 -8.81
C GLU B 223 25.64 3.20 -10.19
N TRP B 224 26.88 3.61 -10.43
CA TRP B 224 27.50 3.47 -11.75
C TRP B 224 27.61 2.01 -12.16
N GLN B 225 26.91 1.68 -13.23
CA GLN B 225 26.92 0.33 -13.78
C GLN B 225 26.89 -0.70 -12.67
N VAL B 226 25.89 -0.56 -11.79
CA VAL B 226 25.93 -1.29 -10.53
C VAL B 226 26.03 -2.80 -10.78
N LEU B 227 25.42 -3.30 -11.86
CA LEU B 227 25.42 -4.75 -12.07
C LEU B 227 26.81 -5.30 -12.38
N THR B 228 27.78 -4.45 -12.77
CA THR B 228 29.11 -4.89 -13.15
C THR B 228 30.13 -4.75 -12.02
N ASN B 229 29.68 -4.38 -10.83
CA ASN B 229 30.57 -4.23 -9.67
C ASN B 229 29.98 -4.95 -8.49
N PRO B 230 30.54 -6.09 -8.06
CA PRO B 230 29.91 -6.83 -6.97
C PRO B 230 29.84 -6.06 -5.67
N ASN B 231 30.77 -5.14 -5.45
CA ASN B 231 30.80 -4.37 -4.22
C ASN B 231 29.72 -3.31 -4.23
N TYR B 232 29.60 -2.61 -5.34
CA TYR B 232 28.51 -1.64 -5.47
C TYR B 232 27.16 -2.35 -5.37
N LEU B 233 27.02 -3.47 -6.06
CA LEU B 233 25.78 -4.23 -6.04
C LEU B 233 25.44 -4.73 -4.65
N ALA B 234 26.43 -5.25 -3.92
CA ALA B 234 26.14 -5.67 -2.55
C ALA B 234 25.57 -4.54 -1.70
N ILE B 235 26.09 -3.30 -1.85
CA ILE B 235 25.53 -2.17 -1.11
C ILE B 235 24.08 -1.92 -1.54
N PHE B 236 23.81 -1.86 -2.86
CA PHE B 236 22.44 -1.58 -3.29
C PHE B 236 21.49 -2.69 -2.88
N GLN B 237 21.94 -3.95 -2.94
CA GLN B 237 21.07 -5.05 -2.53
C GLN B 237 20.74 -5.00 -1.04
N ALA B 238 21.71 -4.67 -0.19
CA ALA B 238 21.44 -4.55 1.24
C ALA B 238 20.45 -3.42 1.51
N PHE B 239 20.61 -2.28 0.82
CA PHE B 239 19.64 -1.19 0.92
C PHE B 239 18.27 -1.66 0.48
N GLY B 240 18.19 -2.39 -0.62
CA GLY B 240 16.92 -2.89 -1.11
C GLY B 240 16.23 -3.82 -0.12
N LYS B 241 17.00 -4.68 0.53
CA LYS B 241 16.42 -5.59 1.53
C LYS B 241 15.83 -4.83 2.70
N ALA B 242 16.54 -3.81 3.19
CA ALA B 242 15.99 -2.93 4.23
C ALA B 242 14.70 -2.26 3.76
N CYS B 243 14.67 -1.75 2.53
CA CYS B 243 13.44 -1.14 2.02
C CYS B 243 12.33 -2.17 1.93
N SER B 244 12.65 -3.41 1.52
CA SER B 244 11.63 -4.45 1.44
C SER B 244 11.09 -4.79 2.82
N LYS B 245 11.97 -4.80 3.83
CA LYS B 245 11.51 -5.01 5.19
C LYS B 245 10.46 -3.97 5.55
N ARG B 246 10.75 -2.69 5.31
CA ARG B 246 9.76 -1.65 5.60
C ARG B 246 8.47 -1.85 4.79
N ALA B 247 8.61 -2.12 3.49
CA ALA B 247 7.42 -2.29 2.65
C ALA B 247 6.56 -3.45 3.13
N GLY B 248 7.19 -4.53 3.56
CA GLY B 248 6.44 -5.64 4.15
C GLY B 248 5.74 -5.23 5.42
N GLN B 249 6.20 -4.11 6.01
CA GLN B 249 5.74 -3.53 7.30
C GLN B 249 6.09 -4.43 8.45
N ARG C 3 -31.87 -21.52 7.50
CA ARG C 3 -32.69 -20.35 7.78
C ARG C 3 -31.86 -19.07 7.70
N LEU C 4 -32.51 -17.97 7.37
CA LEU C 4 -31.90 -16.66 7.49
C LEU C 4 -32.33 -16.03 8.81
N PRO C 5 -31.43 -15.55 9.67
CA PRO C 5 -31.90 -14.92 10.91
C PRO C 5 -32.60 -13.59 10.61
N LEU C 6 -33.67 -13.33 11.36
CA LEU C 6 -34.37 -12.05 11.33
C LEU C 6 -33.67 -11.11 12.30
N ILE C 7 -33.11 -10.01 11.78
CA ILE C 7 -32.27 -9.12 12.59
C ILE C 7 -32.95 -7.76 12.64
N GLY C 8 -33.32 -7.33 13.85
CA GLY C 8 -33.93 -6.03 14.01
C GLY C 8 -32.88 -4.94 14.03
N VAL C 9 -33.20 -3.82 13.38
CA VAL C 9 -32.28 -2.69 13.20
C VAL C 9 -32.98 -1.45 13.73
N THR C 10 -32.36 -0.77 14.69
CA THR C 10 -32.99 0.35 15.37
C THR C 10 -33.19 1.53 14.43
N ALA C 11 -34.39 2.09 14.44
CA ALA C 11 -34.68 3.34 13.75
C ALA C 11 -34.33 4.55 14.62
N CYS C 12 -34.06 5.65 13.93
CA CYS C 12 -34.06 7.01 14.48
C CYS C 12 -35.35 7.70 14.09
N THR C 13 -35.68 8.78 14.78
CA THR C 13 -36.81 9.59 14.36
C THR C 13 -36.28 10.83 13.65
N LYS C 14 -37.10 11.36 12.75
CA LYS C 14 -36.72 12.55 12.01
C LYS C 14 -37.98 13.19 11.46
N GLN C 15 -38.05 14.53 11.49
CA GLN C 15 -39.12 15.24 10.78
C GLN C 15 -38.76 15.30 9.30
N ILE C 16 -39.65 14.82 8.44
CA ILE C 16 -39.50 14.90 6.99
C ILE C 16 -40.72 15.67 6.48
N GLY C 17 -40.49 16.88 5.99
CA GLY C 17 -41.61 17.77 5.77
C GLY C 17 -42.23 18.19 7.09
N LEU C 18 -43.55 18.20 7.15
CA LEU C 18 -44.23 18.46 8.41
C LEU C 18 -44.50 17.18 9.18
N HIS C 19 -43.99 16.03 8.68
CA HIS C 19 -44.39 14.73 9.21
C HIS C 19 -43.29 14.06 10.00
N PRO C 20 -43.63 13.45 11.14
CA PRO C 20 -42.65 12.61 11.85
C PRO C 20 -42.47 11.26 11.15
N TYR C 21 -41.21 10.86 10.98
CA TYR C 21 -40.83 9.62 10.34
C TYR C 21 -39.87 8.84 11.22
N HIS C 22 -39.78 7.54 10.94
CA HIS C 22 -38.79 6.64 11.51
C HIS C 22 -37.87 6.21 10.37
N ILE C 23 -36.55 6.28 10.58
CA ILE C 23 -35.58 6.11 9.50
C ILE C 23 -34.43 5.21 9.93
N ALA C 24 -33.82 4.54 8.96
CA ALA C 24 -32.62 3.77 9.21
C ALA C 24 -31.71 3.83 8.00
N GLY C 25 -30.39 3.94 8.22
CA GLY C 25 -29.46 4.08 7.11
C GLY C 25 -29.34 2.81 6.26
N ASP C 26 -29.43 2.99 4.94
CA ASP C 26 -29.19 1.91 3.99
C ASP C 26 -27.94 1.11 4.30
N LYS C 27 -26.83 1.78 4.67
CA LYS C 27 -25.58 1.04 4.81
C LYS C 27 -25.63 0.04 5.97
N TYR C 28 -26.45 0.31 7.01
CA TYR C 28 -26.59 -0.67 8.09
C TYR C 28 -27.38 -1.87 7.62
N LEU C 29 -28.45 -1.60 6.88
CA LEU C 29 -29.33 -2.65 6.36
C LEU C 29 -28.57 -3.58 5.40
N ARG C 30 -27.80 -3.00 4.47
CA ARG C 30 -27.03 -3.82 3.54
C ARG C 30 -25.93 -4.59 4.27
N ALA C 31 -25.35 -4.03 5.32
CA ALA C 31 -24.37 -4.79 6.09
C ALA C 31 -24.98 -6.00 6.77
N VAL C 32 -26.23 -5.86 7.26
CA VAL C 32 -26.91 -7.00 7.85
C VAL C 32 -27.06 -8.11 6.81
N VAL C 33 -27.48 -7.74 5.59
CA VAL C 33 -27.63 -8.74 4.54
C VAL C 33 -26.28 -9.30 4.14
N ASN C 34 -25.32 -8.42 3.84
CA ASN C 34 -24.10 -8.87 3.19
C ASN C 34 -23.09 -9.45 4.17
N GLY C 35 -23.08 -8.92 5.39
CA GLY C 35 -22.06 -9.22 6.34
C GLY C 35 -22.54 -10.22 7.36
N ALA C 36 -23.77 -10.06 7.84
CA ALA C 36 -24.29 -11.00 8.82
C ALA C 36 -25.13 -12.10 8.23
N GLY C 37 -25.54 -11.98 6.96
CA GLY C 37 -26.31 -13.02 6.32
C GLY C 37 -27.72 -13.09 6.83
N GLY C 38 -28.26 -11.94 7.27
CA GLY C 38 -29.56 -11.88 7.89
C GLY C 38 -30.60 -11.18 7.04
N LEU C 39 -31.80 -11.18 7.57
CA LEU C 39 -32.92 -10.46 6.98
C LEU C 39 -33.22 -9.26 7.86
N PRO C 40 -32.92 -8.02 7.43
CA PRO C 40 -33.13 -6.86 8.31
C PRO C 40 -34.57 -6.37 8.28
N LEU C 41 -35.10 -6.09 9.46
CA LEU C 41 -36.36 -5.35 9.65
C LEU C 41 -36.06 -4.19 10.59
N ILE C 42 -36.65 -3.06 10.34
CA ILE C 42 -36.36 -1.85 11.10
C ILE C 42 -37.34 -1.75 12.26
N ILE C 43 -36.79 -1.54 13.45
CA ILE C 43 -37.59 -1.41 14.68
C ILE C 43 -37.91 0.06 14.87
N PRO C 44 -39.18 0.47 14.76
CA PRO C 44 -39.54 1.86 15.03
C PRO C 44 -39.15 2.29 16.43
N ALA C 45 -38.95 3.60 16.58
CA ALA C 45 -38.59 4.19 17.87
C ALA C 45 -39.89 4.60 18.57
N LEU C 46 -40.65 3.59 18.97
CA LEU C 46 -41.96 3.82 19.55
C LEU C 46 -41.98 3.68 21.06
N GLY C 47 -40.83 3.48 21.68
CA GLY C 47 -40.78 3.48 23.13
C GLY C 47 -41.63 2.39 23.73
N GLU C 48 -42.36 2.73 24.80
CA GLU C 48 -43.21 1.75 25.48
C GLU C 48 -44.45 1.37 24.68
N SER C 49 -44.75 2.06 23.58
CA SER C 49 -45.89 1.70 22.75
C SER C 49 -45.78 0.26 22.27
N ILE C 50 -44.55 -0.20 22.03
CA ILE C 50 -44.27 -1.55 21.58
C ILE C 50 -44.26 -2.47 22.80
N ASP C 51 -44.82 -3.67 22.64
CA ASP C 51 -44.61 -4.70 23.66
C ASP C 51 -43.23 -5.34 23.40
N GLN C 52 -42.32 -5.12 24.34
CA GLN C 52 -40.95 -5.60 24.20
C GLN C 52 -40.88 -7.11 24.11
N ALA C 53 -41.73 -7.81 24.86
CA ALA C 53 -41.64 -9.26 24.89
C ALA C 53 -41.99 -9.85 23.53
N ALA C 54 -43.00 -9.29 22.86
CA ALA C 54 -43.33 -9.72 21.51
C ALA C 54 -42.23 -9.33 20.53
N LEU C 55 -41.63 -8.15 20.70
CA LEU C 55 -40.53 -7.78 19.83
C LEU C 55 -39.36 -8.74 20.00
N LEU C 56 -38.95 -8.97 21.25
CA LEU C 56 -37.79 -9.82 21.48
C LEU C 56 -38.05 -11.23 20.97
N ASP C 57 -39.29 -11.72 21.09
CA ASP C 57 -39.58 -13.06 20.62
C ASP C 57 -39.49 -13.18 19.11
N SER C 58 -39.69 -12.09 18.39
CA SER C 58 -39.76 -12.16 16.94
C SER C 58 -38.38 -12.08 16.26
N VAL C 59 -37.38 -11.54 16.93
CA VAL C 59 -36.10 -11.31 16.27
C VAL C 59 -35.09 -12.36 16.70
N ASP C 60 -34.10 -12.61 15.83
CA ASP C 60 -32.97 -13.47 16.15
C ASP C 60 -31.74 -12.67 16.56
N GLY C 61 -31.79 -11.35 16.50
CA GLY C 61 -30.71 -10.49 16.96
C GLY C 61 -31.08 -9.06 16.70
N LEU C 62 -30.28 -8.17 17.29
CA LEU C 62 -30.53 -6.73 17.22
C LEU C 62 -29.25 -5.97 16.90
N LEU C 63 -29.37 -5.03 15.95
CA LEU C 63 -28.33 -4.09 15.58
C LEU C 63 -28.76 -2.68 16.05
N PHE C 64 -28.02 -2.13 17.00
CA PHE C 64 -28.20 -0.76 17.47
C PHE C 64 -27.27 0.10 16.63
N THR C 65 -27.86 0.90 15.74
CA THR C 65 -27.12 1.62 14.71
C THR C 65 -26.48 2.89 15.25
N GLY C 66 -25.60 3.49 14.44
CA GLY C 66 -25.18 4.84 14.74
C GLY C 66 -26.22 5.87 14.31
N SER C 67 -25.95 7.12 14.69
CA SER C 67 -26.83 8.21 14.34
C SER C 67 -26.16 9.54 14.63
N PRO C 68 -26.53 10.60 13.91
CA PRO C 68 -26.01 11.93 14.27
C PRO C 68 -26.48 12.41 15.63
N SER C 69 -27.59 11.91 16.13
CA SER C 69 -28.08 12.40 17.41
C SER C 69 -27.25 11.82 18.55
N ASN C 70 -27.44 12.40 19.72
CA ASN C 70 -26.69 12.10 20.93
C ASN C 70 -27.62 11.70 22.05
N VAL C 71 -27.26 10.65 22.79
CA VAL C 71 -28.05 10.25 23.95
C VAL C 71 -28.24 11.47 24.85
N GLU C 72 -29.45 11.67 25.36
CA GLU C 72 -29.68 12.82 26.25
C GLU C 72 -28.89 12.61 27.55
N PRO C 73 -28.16 13.60 28.04
CA PRO C 73 -27.33 13.34 29.22
C PRO C 73 -28.13 13.05 30.49
N ARG C 74 -29.45 13.29 30.49
CA ARG C 74 -30.26 12.95 31.66
C ARG C 74 -30.11 11.48 32.02
N HIS C 75 -29.83 10.62 31.04
CA HIS C 75 -29.72 9.19 31.31
C HIS C 75 -28.43 8.78 32.02
N TYR C 76 -27.47 9.68 32.19
CA TYR C 76 -26.32 9.40 33.03
C TYR C 76 -26.03 10.58 33.96
N SER C 77 -27.05 11.40 34.24
CA SER C 77 -26.91 12.56 35.14
C SER C 77 -25.73 13.43 34.72
N GLY C 78 -25.59 13.65 33.42
CA GLY C 78 -24.53 14.48 32.90
C GLY C 78 -24.96 15.92 32.84
N PRO C 79 -24.01 16.83 32.57
CA PRO C 79 -24.39 18.23 32.36
C PRO C 79 -25.28 18.37 31.14
N ALA C 80 -26.12 19.40 31.17
CA ALA C 80 -26.95 19.69 29.99
C ALA C 80 -26.07 19.87 28.76
N SER C 81 -26.60 19.45 27.61
CA SER C 81 -25.91 19.59 26.34
C SER C 81 -25.97 21.04 25.86
N GLU C 82 -25.01 21.40 25.00
CA GLU C 82 -25.00 22.75 24.46
C GLU C 82 -26.25 22.99 23.61
N PRO C 83 -26.75 24.22 23.55
CA PRO C 83 -27.93 24.49 22.71
C PRO C 83 -27.70 24.00 21.29
N GLY C 84 -28.75 23.49 20.68
CA GLY C 84 -28.66 22.98 19.34
C GLY C 84 -28.05 21.60 19.22
N THR C 85 -27.64 20.98 20.32
CA THR C 85 -27.18 19.60 20.24
C THR C 85 -28.32 18.74 19.77
N LEU C 86 -28.02 17.82 18.84
CA LEU C 86 -29.07 16.98 18.28
C LEU C 86 -29.35 15.81 19.22
N HIS C 87 -30.62 15.62 19.56
CA HIS C 87 -31.08 14.53 20.40
C HIS C 87 -32.20 13.79 19.70
N ASP C 88 -32.56 12.63 20.25
CA ASP C 88 -33.66 11.83 19.75
C ASP C 88 -34.29 11.09 20.93
N SER C 89 -35.17 11.80 21.66
CA SER C 89 -35.71 11.22 22.88
C SER C 89 -36.54 9.98 22.61
N ASP C 90 -37.27 9.95 21.49
CA ASP C 90 -38.01 8.76 21.12
C ASP C 90 -37.08 7.56 20.93
N ARG C 91 -35.93 7.74 20.28
CA ARG C 91 -35.02 6.60 20.17
C ARG C 91 -34.47 6.18 21.52
N ASP C 92 -34.07 7.15 22.35
CA ASP C 92 -33.56 6.83 23.68
C ASP C 92 -34.57 5.97 24.43
N ALA C 93 -35.84 6.35 24.34
CA ALA C 93 -36.91 5.68 25.08
C ALA C 93 -37.12 4.27 24.59
N THR C 94 -36.64 3.96 23.38
CA THR C 94 -36.76 2.63 22.80
C THR C 94 -35.53 1.79 23.12
N THR C 95 -34.36 2.35 22.89
CA THR C 95 -33.16 1.52 22.84
C THR C 95 -32.58 1.24 24.21
N LEU C 96 -32.60 2.20 25.15
CA LEU C 96 -31.94 1.94 26.43
C LEU C 96 -32.60 0.77 27.16
N PRO C 97 -33.94 0.67 27.26
CA PRO C 97 -34.52 -0.53 27.88
C PRO C 97 -34.40 -1.79 27.01
N LEU C 98 -34.39 -1.62 25.69
CA LEU C 98 -34.28 -2.78 24.81
C LEU C 98 -32.93 -3.47 24.96
N VAL C 99 -31.87 -2.69 25.11
CA VAL C 99 -30.55 -3.28 25.26
C VAL C 99 -30.52 -4.21 26.46
N ARG C 100 -31.01 -3.72 27.61
CA ARG C 100 -31.00 -4.51 28.82
C ARG C 100 -31.83 -5.78 28.65
N ALA C 101 -33.01 -5.63 28.05
CA ALA C 101 -33.93 -6.75 27.90
C ALA C 101 -33.38 -7.79 26.94
N ALA C 102 -32.76 -7.34 25.85
CA ALA C 102 -32.24 -8.28 24.88
C ALA C 102 -31.12 -9.10 25.48
N ILE C 103 -30.23 -8.46 26.24
CA ILE C 103 -29.12 -9.22 26.79
C ILE C 103 -29.62 -10.19 27.86
N ASP C 104 -30.61 -9.78 28.66
CA ASP C 104 -31.18 -10.72 29.64
C ASP C 104 -31.84 -11.91 28.94
N ALA C 105 -32.42 -11.70 27.77
CA ALA C 105 -33.13 -12.75 27.05
C ALA C 105 -32.22 -13.64 26.20
N GLY C 106 -30.92 -13.34 26.11
CA GLY C 106 -30.04 -14.10 25.26
C GLY C 106 -30.21 -13.82 23.78
N ILE C 107 -30.58 -12.60 23.43
CA ILE C 107 -30.74 -12.19 22.04
C ILE C 107 -29.43 -11.52 21.63
N PRO C 108 -28.76 -12.00 20.60
CA PRO C 108 -27.49 -11.37 20.21
C PRO C 108 -27.69 -9.87 19.94
N VAL C 109 -26.68 -9.09 20.32
CA VAL C 109 -26.71 -7.64 20.20
C VAL C 109 -25.38 -7.15 19.64
N LEU C 110 -25.45 -6.32 18.59
CA LEU C 110 -24.31 -5.58 18.08
C LEU C 110 -24.67 -4.11 18.14
N GLY C 111 -23.87 -3.31 18.82
CA GLY C 111 -24.04 -1.87 18.85
C GLY C 111 -22.91 -1.17 18.12
N ILE C 112 -23.28 -0.17 17.31
CA ILE C 112 -22.34 0.57 16.46
C ILE C 112 -22.48 2.04 16.81
N CYS C 113 -21.35 2.67 17.19
CA CYS C 113 -21.21 4.11 17.39
C CYS C 113 -22.27 4.58 18.39
N ARG C 114 -23.31 5.32 17.99
CA ARG C 114 -24.32 5.69 18.98
C ARG C 114 -24.88 4.47 19.73
N GLY C 115 -25.03 3.34 19.04
CA GLY C 115 -25.55 2.15 19.71
C GLY C 115 -24.59 1.58 20.74
N PHE C 116 -23.29 1.71 20.49
CA PHE C 116 -22.29 1.36 21.50
C PHE C 116 -22.38 2.30 22.70
N GLN C 117 -22.57 3.58 22.44
CA GLN C 117 -22.79 4.52 23.54
C GLN C 117 -24.07 4.20 24.31
N GLU C 118 -25.13 3.80 23.60
CA GLU C 118 -26.35 3.36 24.27
C GLU C 118 -26.06 2.17 25.19
N MET C 119 -25.23 1.23 24.72
CA MET C 119 -24.92 0.07 25.56
C MET C 119 -24.28 0.52 26.87
N ASN C 120 -23.29 1.41 26.78
CA ASN C 120 -22.63 1.88 28.00
C ASN C 120 -23.62 2.58 28.91
N VAL C 121 -24.45 3.48 28.36
CA VAL C 121 -25.37 4.23 29.20
C VAL C 121 -26.42 3.30 29.80
N ALA C 122 -26.90 2.34 29.00
CA ALA C 122 -28.00 1.49 29.45
C ALA C 122 -27.61 0.68 30.68
N PHE C 123 -26.32 0.38 30.83
CA PHE C 123 -25.83 -0.45 31.93
C PHE C 123 -25.25 0.38 33.06
N GLY C 124 -25.38 1.70 32.99
CA GLY C 124 -25.01 2.58 34.07
C GLY C 124 -23.81 3.45 33.87
N GLY C 125 -23.24 3.50 32.67
CA GLY C 125 -22.06 4.31 32.44
C GLY C 125 -22.44 5.70 31.94
N SER C 126 -21.42 6.51 31.65
CA SER C 126 -21.63 7.88 31.21
C SER C 126 -20.85 8.17 29.94
N LEU C 127 -21.12 9.34 29.35
CA LEU C 127 -20.44 9.76 28.13
C LEU C 127 -19.79 11.13 28.29
N HIS C 128 -18.71 11.33 27.52
CA HIS C 128 -18.16 12.66 27.26
C HIS C 128 -18.94 13.23 26.08
N GLN C 129 -19.43 14.46 26.20
CA GLN C 129 -20.23 15.04 25.12
C GLN C 129 -19.40 15.70 24.04
N LYS C 130 -18.19 16.15 24.33
CA LYS C 130 -17.28 16.60 23.27
C LYS C 130 -15.90 16.00 23.58
N VAL C 131 -15.67 14.77 23.11
CA VAL C 131 -14.41 14.07 23.36
C VAL C 131 -13.21 14.91 22.93
N HIS C 132 -13.32 15.56 21.76
CA HIS C 132 -12.23 16.34 21.19
C HIS C 132 -11.84 17.52 22.05
N GLU C 133 -12.65 17.88 23.05
CA GLU C 133 -12.33 18.99 23.94
C GLU C 133 -11.92 18.55 25.34
N VAL C 134 -11.85 17.24 25.61
CA VAL C 134 -11.61 16.80 26.99
C VAL C 134 -10.14 16.86 27.38
N GLY C 135 -9.24 17.13 26.44
CA GLY C 135 -7.88 17.45 26.80
C GLY C 135 -6.87 16.41 26.41
N THR C 136 -7.08 15.17 26.83
CA THR C 136 -6.19 14.09 26.46
C THR C 136 -6.52 13.49 25.09
N PHE C 137 -7.79 13.49 24.71
CA PHE C 137 -8.23 12.66 23.60
C PHE C 137 -7.94 13.31 22.25
N MET C 138 -7.77 12.46 21.24
CA MET C 138 -7.75 12.91 19.86
C MET C 138 -9.12 13.49 19.48
N ASP C 139 -9.17 14.11 18.31
CA ASP C 139 -10.43 14.50 17.69
C ASP C 139 -10.93 13.30 16.90
N HIS C 140 -12.03 12.70 17.37
CA HIS C 140 -12.55 11.46 16.80
C HIS C 140 -13.62 11.72 15.74
N ARG C 141 -13.87 12.97 15.42
CA ARG C 141 -14.88 13.31 14.44
C ARG C 141 -14.35 13.12 13.04
N GLU C 142 -15.27 12.92 12.10
CA GLU C 142 -14.89 12.79 10.71
C GLU C 142 -14.61 14.17 10.13
N PRO C 143 -13.80 14.22 9.07
CA PRO C 143 -13.49 15.52 8.43
C PRO C 143 -14.61 15.94 7.49
N ALA C 144 -15.18 17.13 7.72
CA ALA C 144 -16.30 17.57 6.91
C ALA C 144 -15.90 17.87 5.47
N ASP C 145 -14.65 18.26 5.25
CA ASP C 145 -14.21 18.70 3.92
C ASP C 145 -13.65 17.58 3.08
N GLN C 146 -14.22 16.38 3.21
CA GLN C 146 -13.85 15.20 2.45
C GLN C 146 -15.11 14.50 2.00
N PRO C 147 -15.05 13.79 0.86
CA PRO C 147 -16.21 12.98 0.43
C PRO C 147 -16.50 11.86 1.41
N LEU C 148 -17.73 11.33 1.29
CA LEU C 148 -18.21 10.33 2.24
C LEU C 148 -17.23 9.17 2.37
N GLU C 149 -16.63 8.75 1.26
CA GLU C 149 -15.77 7.56 1.25
C GLU C 149 -14.44 7.81 1.97
N VAL C 150 -14.04 9.06 2.14
CA VAL C 150 -12.90 9.41 2.94
C VAL C 150 -13.30 9.58 4.40
N GLN C 151 -14.46 10.20 4.61
CA GLN C 151 -14.97 10.39 5.96
C GLN C 151 -15.08 9.09 6.71
N TYR C 152 -15.37 8.00 6.01
CA TYR C 152 -15.59 6.69 6.65
C TYR C 152 -14.41 5.74 6.43
N ALA C 153 -13.29 6.24 5.89
CA ALA C 153 -12.07 5.45 5.79
C ALA C 153 -11.36 5.36 7.13
N PRO C 154 -10.47 4.38 7.28
CA PRO C 154 -9.79 4.22 8.57
C PRO C 154 -8.93 5.44 8.89
N ARG C 155 -9.01 5.88 10.14
CA ARG C 155 -8.32 7.11 10.55
C ARG C 155 -7.54 7.03 11.85
N HIS C 156 -7.78 6.04 12.71
CA HIS C 156 -6.89 5.88 13.86
C HIS C 156 -6.76 4.41 14.21
N ALA C 157 -5.74 4.13 15.01
CA ALA C 157 -5.44 2.77 15.42
C ALA C 157 -6.47 2.29 16.45
N MET C 158 -6.50 0.99 16.64
CA MET C 158 -7.39 0.37 17.63
C MET C 158 -6.66 -0.82 18.23
N HIS C 159 -6.59 -0.86 19.55
CA HIS C 159 -5.82 -1.87 20.27
C HIS C 159 -6.78 -2.83 20.95
N VAL C 160 -6.78 -4.07 20.46
CA VAL C 160 -7.62 -5.12 21.05
C VAL C 160 -7.09 -5.50 22.42
N GLN C 161 -7.99 -5.57 23.40
CA GLN C 161 -7.64 -6.06 24.73
C GLN C 161 -7.78 -7.57 24.76
N PRO C 162 -6.73 -8.32 25.10
CA PRO C 162 -6.78 -9.77 24.98
C PRO C 162 -7.89 -10.37 25.84
N GLY C 163 -8.36 -11.52 25.41
CA GLY C 163 -9.20 -12.37 26.23
C GLY C 163 -10.68 -12.13 26.13
N GLY C 164 -11.13 -11.29 25.20
CA GLY C 164 -12.55 -11.09 25.05
C GLY C 164 -13.10 -11.48 23.72
N VAL C 165 -14.22 -10.85 23.34
CA VAL C 165 -14.96 -11.25 22.14
C VAL C 165 -14.12 -10.97 20.89
N LEU C 166 -13.48 -9.80 20.83
CA LEU C 166 -12.75 -9.42 19.62
C LEU C 166 -11.55 -10.33 19.39
N ALA C 167 -10.78 -10.62 20.43
CA ALA C 167 -9.70 -11.59 20.30
C ALA C 167 -10.24 -12.95 19.88
N GLY C 168 -11.35 -13.38 20.47
CA GLY C 168 -11.93 -14.67 20.15
C GLY C 168 -12.38 -14.79 18.72
N ILE C 169 -12.82 -13.69 18.12
CA ILE C 169 -13.15 -13.66 16.70
C ILE C 169 -11.92 -13.69 15.83
N GLY C 170 -10.76 -13.44 16.41
CA GLY C 170 -9.52 -13.48 15.66
C GLY C 170 -9.06 -12.17 15.08
N LEU C 171 -9.50 -11.06 15.61
CA LEU C 171 -8.97 -9.79 15.13
C LEU C 171 -7.50 -9.65 15.54
N PRO C 172 -6.68 -9.04 14.71
CA PRO C 172 -5.29 -8.77 15.10
C PRO C 172 -5.24 -7.81 16.28
N SER C 173 -4.08 -7.82 16.96
CA SER C 173 -3.95 -7.05 18.20
C SER C 173 -4.07 -5.56 17.96
N GLU C 174 -3.72 -5.08 16.77
CA GLU C 174 -3.89 -3.68 16.42
C GLU C 174 -4.39 -3.63 14.98
N PHE C 175 -5.34 -2.72 14.72
CA PHE C 175 -5.83 -2.50 13.36
C PHE C 175 -6.41 -1.11 13.30
N GLN C 176 -6.57 -0.60 12.07
CA GLN C 176 -7.09 0.73 11.86
C GLN C 176 -8.62 0.72 11.76
N VAL C 177 -9.24 1.78 12.27
CA VAL C 177 -10.69 1.89 12.24
C VAL C 177 -11.07 3.29 11.78
N ASN C 178 -12.27 3.40 11.22
CA ASN C 178 -12.84 4.73 10.99
C ASN C 178 -13.25 5.34 12.32
N SER C 179 -13.63 6.61 12.26
CA SER C 179 -14.00 7.36 13.45
C SER C 179 -14.88 8.51 13.01
N ILE C 180 -16.15 8.45 13.41
CA ILE C 180 -17.18 9.42 13.05
C ILE C 180 -17.97 9.77 14.31
N HIS C 181 -17.28 10.26 15.36
CA HIS C 181 -18.03 10.48 16.59
C HIS C 181 -17.46 11.63 17.40
N GLY C 182 -18.37 12.43 17.97
CA GLY C 182 -17.99 13.55 18.80
C GLY C 182 -18.12 13.24 20.28
N GLN C 183 -18.83 12.16 20.61
CA GLN C 183 -18.98 11.69 21.98
C GLN C 183 -18.25 10.36 22.19
N GLY C 184 -18.11 9.98 23.47
CA GLY C 184 -17.41 8.74 23.78
C GLY C 184 -17.62 8.35 25.23
N VAL C 185 -17.15 7.15 25.57
CA VAL C 185 -17.30 6.64 26.93
C VAL C 185 -16.50 7.51 27.90
N ASP C 186 -17.13 7.88 29.01
CA ASP C 186 -16.48 8.53 30.15
C ASP C 186 -16.34 7.47 31.24
N ARG C 187 -17.37 7.30 32.08
CA ARG C 187 -17.40 6.21 33.05
C ARG C 187 -17.87 4.93 32.38
N LEU C 188 -17.02 3.90 32.42
CA LEU C 188 -17.43 2.58 31.98
C LEU C 188 -18.51 2.01 32.88
N ALA C 189 -19.56 1.46 32.28
CA ALA C 189 -20.63 0.87 33.07
C ALA C 189 -20.10 -0.32 33.85
N PRO C 190 -20.67 -0.60 35.02
CA PRO C 190 -20.36 -1.87 35.67
C PRO C 190 -20.82 -3.06 34.83
N GLY C 191 -20.04 -4.14 34.88
CA GLY C 191 -20.42 -5.36 34.20
C GLY C 191 -20.04 -5.43 32.74
N LEU C 192 -19.24 -4.49 32.27
CA LEU C 192 -18.77 -4.46 30.89
C LEU C 192 -17.27 -4.71 30.86
N ARG C 193 -16.85 -5.57 29.93
CA ARG C 193 -15.45 -5.82 29.65
C ARG C 193 -14.97 -4.87 28.57
N VAL C 194 -13.82 -4.24 28.78
CA VAL C 194 -13.24 -3.43 27.70
C VAL C 194 -12.66 -4.36 26.65
N GLU C 195 -13.10 -4.19 25.40
CA GLU C 195 -12.68 -5.01 24.28
C GLU C 195 -11.59 -4.34 23.45
N ALA C 196 -11.59 -3.01 23.38
CA ALA C 196 -10.60 -2.30 22.58
C ALA C 196 -10.48 -0.85 23.05
N LEU C 197 -9.25 -0.33 22.95
CA LEU C 197 -8.92 1.02 23.34
C LEU C 197 -8.27 1.77 22.18
N ALA C 198 -8.69 3.02 21.96
CA ALA C 198 -8.01 3.86 20.99
C ALA C 198 -6.66 4.29 21.59
N PRO C 199 -5.76 4.82 20.76
CA PRO C 199 -4.40 5.14 21.25
C PRO C 199 -4.35 6.24 22.28
N ASP C 200 -5.42 7.02 22.46
CA ASP C 200 -5.51 8.02 23.50
C ASP C 200 -6.19 7.51 24.77
N GLY C 201 -6.48 6.22 24.85
CA GLY C 201 -7.12 5.64 25.99
C GLY C 201 -8.64 5.57 25.91
N LEU C 202 -9.25 6.14 24.88
CA LEU C 202 -10.72 6.10 24.80
C LEU C 202 -11.19 4.66 24.63
N VAL C 203 -12.18 4.27 25.43
CA VAL C 203 -12.78 2.95 25.27
C VAL C 203 -13.63 2.96 24.01
N GLU C 204 -13.29 2.10 23.04
CA GLU C 204 -14.06 2.01 21.80
C GLU C 204 -14.68 0.66 21.53
N ALA C 205 -14.56 -0.32 22.43
CA ALA C 205 -15.40 -1.50 22.27
C ALA C 205 -15.58 -2.13 23.64
N ILE C 206 -16.77 -2.73 23.85
CA ILE C 206 -17.16 -3.36 25.11
C ILE C 206 -17.94 -4.64 24.82
N SER C 207 -17.89 -5.58 25.78
CA SER C 207 -18.79 -6.72 25.78
C SER C 207 -19.39 -6.84 27.18
N VAL C 208 -20.53 -7.53 27.25
CA VAL C 208 -21.32 -7.61 28.47
C VAL C 208 -20.94 -8.89 29.20
N GLU C 209 -20.35 -8.74 30.38
CA GLU C 209 -19.90 -9.90 31.14
C GLU C 209 -21.09 -10.78 31.52
N GLY C 210 -20.91 -12.10 31.35
CA GLY C 210 -21.93 -13.05 31.72
C GLY C 210 -23.10 -13.14 30.77
N ALA C 211 -23.07 -12.41 29.67
CA ALA C 211 -24.18 -12.50 28.72
C ALA C 211 -24.28 -13.91 28.16
N LYS C 212 -25.53 -14.39 28.07
CA LYS C 212 -25.78 -15.70 27.51
C LYS C 212 -25.43 -15.76 26.04
N ALA C 213 -25.53 -14.64 25.33
CA ALA C 213 -25.38 -14.59 23.90
C ALA C 213 -24.44 -13.44 23.56
N PHE C 214 -23.94 -13.45 22.33
CA PHE C 214 -23.16 -12.36 21.75
C PHE C 214 -23.71 -10.99 22.15
N ALA C 215 -22.83 -10.17 22.74
CA ALA C 215 -23.21 -8.82 23.22
C ALA C 215 -21.98 -7.93 23.12
N LEU C 216 -21.87 -7.23 21.97
CA LEU C 216 -20.68 -6.48 21.62
C LEU C 216 -21.08 -5.09 21.15
N GLY C 217 -20.36 -4.07 21.58
CA GLY C 217 -20.47 -2.74 21.00
C GLY C 217 -19.12 -2.22 20.57
N VAL C 218 -19.10 -1.48 19.45
CA VAL C 218 -17.88 -0.84 18.98
C VAL C 218 -18.22 0.61 18.64
N GLN C 219 -17.21 1.49 18.82
CA GLN C 219 -17.40 2.91 18.62
C GLN C 219 -17.18 3.33 17.19
N TRP C 220 -16.48 2.52 16.43
CA TRP C 220 -16.29 2.78 15.01
C TRP C 220 -17.50 2.26 14.25
N ASN C 221 -17.40 2.29 12.92
CA ASN C 221 -18.53 2.00 12.03
C ASN C 221 -18.18 0.87 11.08
N PRO C 222 -18.26 -0.37 11.57
CA PRO C 222 -17.86 -1.52 10.73
C PRO C 222 -18.84 -1.87 9.66
N GLU C 223 -20.02 -1.24 9.62
CA GLU C 223 -20.93 -1.47 8.50
C GLU C 223 -20.40 -0.88 7.20
N TRP C 224 -19.44 0.04 7.29
CA TRP C 224 -18.96 0.77 6.12
C TRP C 224 -18.15 -0.17 5.21
N GLN C 225 -18.67 -0.40 4.01
CA GLN C 225 -18.03 -1.28 3.02
C GLN C 225 -17.58 -2.58 3.65
N VAL C 226 -18.49 -3.19 4.42
CA VAL C 226 -18.13 -4.29 5.29
C VAL C 226 -17.45 -5.41 4.51
N LEU C 227 -17.90 -5.67 3.28
CA LEU C 227 -17.36 -6.81 2.54
C LEU C 227 -15.90 -6.62 2.15
N THR C 228 -15.39 -5.39 2.16
CA THR C 228 -14.04 -5.10 1.70
C THR C 228 -13.02 -5.05 2.83
N ASN C 229 -13.46 -5.07 4.08
CA ASN C 229 -12.57 -4.91 5.23
C ASN C 229 -12.67 -6.16 6.10
N PRO C 230 -11.61 -6.95 6.24
CA PRO C 230 -11.75 -8.22 6.98
C PRO C 230 -12.01 -8.02 8.45
N ASN C 231 -11.53 -6.91 9.03
CA ASN C 231 -11.77 -6.68 10.46
C ASN C 231 -13.24 -6.32 10.71
N TYR C 232 -13.84 -5.50 9.85
CA TYR C 232 -15.28 -5.24 9.96
C TYR C 232 -16.09 -6.48 9.63
N LEU C 233 -15.71 -7.20 8.57
CA LEU C 233 -16.46 -8.39 8.17
C LEU C 233 -16.47 -9.43 9.27
N ALA C 234 -15.34 -9.59 9.97
CA ALA C 234 -15.25 -10.56 11.06
C ALA C 234 -16.29 -10.27 12.12
N ILE C 235 -16.51 -8.98 12.42
CA ILE C 235 -17.50 -8.63 13.42
C ILE C 235 -18.90 -8.97 12.94
N PHE C 236 -19.22 -8.63 11.70
CA PHE C 236 -20.57 -8.87 11.23
C PHE C 236 -20.83 -10.35 11.02
N GLN C 237 -19.82 -11.12 10.62
CA GLN C 237 -19.97 -12.57 10.51
C GLN C 237 -20.19 -13.21 11.85
N ALA C 238 -19.47 -12.75 12.87
CA ALA C 238 -19.65 -13.31 14.21
C ALA C 238 -21.03 -12.98 14.78
N PHE C 239 -21.47 -11.73 14.62
CA PHE C 239 -22.84 -11.36 14.93
C PHE C 239 -23.83 -12.26 14.22
N GLY C 240 -23.62 -12.47 12.92
CA GLY C 240 -24.58 -13.22 12.15
C GLY C 240 -24.64 -14.68 12.55
N LYS C 241 -23.49 -15.27 12.85
CA LYS C 241 -23.49 -16.66 13.32
C LYS C 241 -24.25 -16.77 14.64
N ALA C 242 -24.04 -15.81 15.55
CA ALA C 242 -24.80 -15.83 16.80
C ALA C 242 -26.30 -15.71 16.53
N CYS C 243 -26.69 -14.84 15.59
CA CYS C 243 -28.08 -14.73 15.23
C CYS C 243 -28.60 -16.03 14.64
N SER C 244 -27.78 -16.69 13.82
CA SER C 244 -28.22 -17.96 13.24
C SER C 244 -28.35 -19.03 14.32
N LYS C 245 -27.50 -18.98 15.34
CA LYS C 245 -27.61 -19.91 16.46
C LYS C 245 -28.94 -19.74 17.19
N ARG C 246 -29.32 -18.49 17.50
CA ARG C 246 -30.61 -18.28 18.14
C ARG C 246 -31.75 -18.73 17.24
N ALA C 247 -31.66 -18.40 15.93
CA ALA C 247 -32.69 -18.82 15.00
C ALA C 247 -32.85 -20.33 15.01
N GLY C 248 -31.74 -21.07 15.21
CA GLY C 248 -31.77 -22.51 15.17
C GLY C 248 -32.28 -23.18 16.43
N GLN C 249 -32.35 -22.47 17.55
CA GLN C 249 -32.78 -23.05 18.80
C GLN C 249 -34.26 -22.82 19.08
N ARG C 250 -34.98 -22.24 18.12
CA ARG C 250 -36.42 -22.05 18.25
C ARG C 250 -37.16 -23.39 18.20
N SER D 2 15.25 -13.83 -19.33
CA SER D 2 15.14 -13.90 -17.87
C SER D 2 15.42 -15.30 -17.35
N ARG D 3 16.10 -15.37 -16.21
CA ARG D 3 16.56 -16.65 -15.68
C ARG D 3 15.40 -17.46 -15.12
N LEU D 4 15.43 -18.78 -15.34
CA LEU D 4 14.44 -19.66 -14.73
C LEU D 4 14.68 -19.72 -13.23
N PRO D 5 13.64 -19.63 -12.39
CA PRO D 5 13.85 -19.69 -10.95
C PRO D 5 14.16 -21.12 -10.51
N LEU D 6 15.15 -21.26 -9.65
CA LEU D 6 15.46 -22.55 -9.03
C LEU D 6 14.57 -22.62 -7.80
N ILE D 7 13.59 -23.54 -7.81
CA ILE D 7 12.62 -23.65 -6.74
C ILE D 7 12.89 -24.93 -5.96
N GLY D 8 13.22 -24.78 -4.69
CA GLY D 8 13.43 -25.93 -3.82
C GLY D 8 12.12 -26.52 -3.37
N VAL D 9 12.04 -27.85 -3.39
CA VAL D 9 10.84 -28.58 -3.03
C VAL D 9 11.20 -29.50 -1.86
N THR D 10 10.47 -29.38 -0.75
CA THR D 10 10.82 -30.12 0.46
C THR D 10 10.62 -31.63 0.30
N ALA D 11 11.63 -32.39 0.75
CA ALA D 11 11.53 -33.85 0.81
C ALA D 11 10.87 -34.31 2.11
N CYS D 12 10.16 -35.44 2.03
CA CYS D 12 9.84 -36.28 3.17
C CYS D 12 10.95 -37.32 3.32
N THR D 13 11.09 -37.89 4.51
CA THR D 13 11.89 -39.10 4.66
C THR D 13 10.98 -40.33 4.64
N LYS D 14 11.56 -41.44 4.22
CA LYS D 14 10.80 -42.68 4.14
C LYS D 14 11.77 -43.87 4.15
N GLN D 15 11.54 -44.80 5.06
CA GLN D 15 12.27 -46.06 5.01
C GLN D 15 11.63 -46.98 3.97
N ILE D 16 12.45 -47.52 3.07
CA ILE D 16 11.94 -48.46 2.08
C ILE D 16 12.86 -49.67 2.08
N GLY D 17 12.39 -50.75 2.74
CA GLY D 17 13.25 -51.91 2.88
C GLY D 17 14.41 -51.59 3.81
N LEU D 18 15.62 -51.96 3.40
CA LEU D 18 16.78 -51.76 4.26
C LEU D 18 17.33 -50.33 4.23
N HIS D 19 16.82 -49.48 3.34
CA HIS D 19 17.45 -48.18 3.17
C HIS D 19 16.51 -47.01 3.49
N PRO D 20 17.04 -45.97 4.12
CA PRO D 20 16.32 -44.69 4.24
C PRO D 20 16.46 -43.83 2.99
N TYR D 21 15.36 -43.18 2.63
CA TYR D 21 15.27 -42.32 1.45
C TYR D 21 14.72 -40.95 1.82
N HIS D 22 15.03 -39.98 0.95
CA HIS D 22 14.37 -38.69 0.88
C HIS D 22 13.51 -38.66 -0.36
N ILE D 23 12.26 -38.26 -0.22
CA ILE D 23 11.32 -38.43 -1.31
C ILE D 23 10.51 -37.15 -1.56
N ALA D 24 10.04 -37.03 -2.80
CA ALA D 24 9.13 -35.94 -3.14
C ALA D 24 8.17 -36.36 -4.22
N GLY D 25 6.93 -35.89 -4.11
CA GLY D 25 5.90 -36.35 -5.03
C GLY D 25 6.07 -35.74 -6.41
N ASP D 26 5.95 -36.57 -7.44
CA ASP D 26 6.02 -36.11 -8.82
C ASP D 26 5.06 -34.98 -9.12
N LYS D 27 3.82 -35.04 -8.58
CA LYS D 27 2.85 -34.03 -8.95
C LYS D 27 3.27 -32.65 -8.46
N TYR D 28 3.98 -32.56 -7.33
CA TYR D 28 4.45 -31.25 -6.88
C TYR D 28 5.52 -30.74 -7.83
N LEU D 29 6.40 -31.64 -8.25
CA LEU D 29 7.53 -31.25 -9.09
C LEU D 29 7.03 -30.79 -10.47
N ARG D 30 6.08 -31.53 -11.03
CA ARG D 30 5.50 -31.12 -12.31
C ARG D 30 4.73 -29.82 -12.18
N ALA D 31 4.08 -29.56 -11.04
CA ALA D 31 3.40 -28.27 -10.87
C ALA D 31 4.38 -27.12 -10.82
N VAL D 32 5.57 -27.34 -10.27
CA VAL D 32 6.59 -26.30 -10.26
C VAL D 32 7.02 -25.99 -11.68
N VAL D 33 7.17 -27.02 -12.51
CA VAL D 33 7.59 -26.82 -13.89
C VAL D 33 6.47 -26.17 -14.69
N ASN D 34 5.28 -26.78 -14.67
CA ASN D 34 4.20 -26.35 -15.57
C ASN D 34 3.40 -25.18 -15.03
N GLY D 35 3.29 -25.05 -13.71
CA GLY D 35 2.54 -23.98 -13.11
C GLY D 35 3.37 -22.77 -12.75
N ALA D 36 4.51 -22.99 -12.08
CA ALA D 36 5.34 -21.88 -11.62
C ALA D 36 6.43 -21.48 -12.60
N GLY D 37 6.67 -22.27 -13.64
CA GLY D 37 7.71 -21.92 -14.58
C GLY D 37 9.11 -22.04 -14.04
N GLY D 38 9.33 -22.93 -13.07
CA GLY D 38 10.61 -23.06 -12.42
C GLY D 38 11.31 -24.39 -12.69
N LEU D 39 12.55 -24.45 -12.23
CA LEU D 39 13.34 -25.68 -12.22
C LEU D 39 13.29 -26.25 -10.81
N PRO D 40 12.63 -27.41 -10.58
CA PRO D 40 12.51 -27.92 -9.21
C PRO D 40 13.69 -28.78 -8.81
N LEU D 41 14.29 -28.48 -7.66
CA LEU D 41 15.27 -29.34 -7.02
C LEU D 41 14.75 -29.68 -5.64
N ILE D 42 14.96 -30.93 -5.25
CA ILE D 42 14.39 -31.44 -4.00
C ILE D 42 15.37 -31.20 -2.87
N ILE D 43 14.88 -30.59 -1.80
CA ILE D 43 15.69 -30.25 -0.63
C ILE D 43 15.64 -31.44 0.31
N PRO D 44 16.74 -32.16 0.53
CA PRO D 44 16.71 -33.29 1.46
C PRO D 44 16.34 -32.85 2.86
N ALA D 45 15.76 -33.78 3.62
CA ALA D 45 15.34 -33.50 4.99
C ALA D 45 16.52 -33.77 5.93
N LEU D 46 17.51 -32.89 5.82
CA LEU D 46 18.76 -33.05 6.56
C LEU D 46 18.82 -32.15 7.78
N GLY D 47 17.72 -31.51 8.14
CA GLY D 47 17.72 -30.66 9.30
C GLY D 47 18.65 -29.48 9.09
N GLU D 48 19.20 -29.00 10.20
CA GLU D 48 20.16 -27.92 10.15
C GLU D 48 21.58 -28.44 10.29
N SER D 49 21.78 -29.71 9.91
CA SER D 49 23.12 -30.26 9.68
C SER D 49 23.76 -29.70 8.42
N ILE D 50 23.02 -28.93 7.63
CA ILE D 50 23.59 -28.22 6.48
C ILE D 50 23.34 -26.73 6.71
N ASP D 51 24.16 -25.92 6.05
CA ASP D 51 24.08 -24.47 6.20
C ASP D 51 22.82 -24.00 5.49
N GLN D 52 21.73 -23.77 6.24
CA GLN D 52 20.47 -23.43 5.59
C GLN D 52 20.55 -22.08 4.91
N ALA D 53 21.44 -21.20 5.34
CA ALA D 53 21.60 -19.90 4.69
C ALA D 53 22.27 -20.06 3.32
N ALA D 54 23.36 -20.81 3.26
CA ALA D 54 24.02 -21.09 1.99
C ALA D 54 23.10 -21.83 1.04
N LEU D 55 22.21 -22.66 1.58
CA LEU D 55 21.15 -23.25 0.78
C LEU D 55 20.20 -22.17 0.28
N LEU D 56 19.79 -21.26 1.17
CA LEU D 56 18.85 -20.20 0.79
C LEU D 56 19.46 -19.32 -0.30
N ASP D 57 20.77 -19.02 -0.19
CA ASP D 57 21.42 -18.19 -1.20
C ASP D 57 21.32 -18.80 -2.59
N SER D 58 21.07 -20.11 -2.68
CA SER D 58 21.09 -20.78 -3.97
C SER D 58 19.71 -20.97 -4.59
N VAL D 59 18.63 -20.75 -3.85
CA VAL D 59 17.30 -21.03 -4.36
C VAL D 59 16.55 -19.71 -4.54
N ASP D 60 15.58 -19.72 -5.44
CA ASP D 60 14.73 -18.56 -5.72
C ASP D 60 13.36 -18.65 -5.07
N GLY D 61 13.05 -19.77 -4.43
CA GLY D 61 11.74 -19.97 -3.84
C GLY D 61 11.70 -21.34 -3.23
N LEU D 62 10.72 -21.55 -2.35
CA LEU D 62 10.58 -22.81 -1.65
C LEU D 62 9.12 -23.26 -1.67
N LEU D 63 8.89 -24.51 -2.11
CA LEU D 63 7.60 -25.15 -2.02
C LEU D 63 7.62 -26.18 -0.88
N PHE D 64 6.74 -25.98 0.10
CA PHE D 64 6.59 -26.90 1.22
C PHE D 64 5.41 -27.80 0.86
N THR D 65 5.69 -29.08 0.60
CA THR D 65 4.72 -29.98 -0.01
C THR D 65 3.78 -30.55 1.04
N GLY D 66 2.72 -31.22 0.55
CA GLY D 66 1.93 -32.07 1.41
C GLY D 66 2.63 -33.40 1.72
N SER D 67 2.04 -34.10 2.67
CA SER D 67 2.55 -35.41 3.06
C SER D 67 1.52 -36.13 3.91
N PRO D 68 1.48 -37.46 3.86
CA PRO D 68 0.60 -38.19 4.79
C PRO D 68 1.03 -38.03 6.25
N SER D 69 2.25 -37.59 6.50
CA SER D 69 2.68 -37.47 7.88
C SER D 69 2.19 -36.16 8.49
N ASN D 70 2.26 -36.09 9.81
CA ASN D 70 1.70 -34.98 10.59
C ASN D 70 2.78 -34.33 11.44
N VAL D 71 2.77 -32.99 11.49
CA VAL D 71 3.68 -32.27 12.37
C VAL D 71 3.54 -32.84 13.79
N GLU D 72 4.68 -33.08 14.45
CA GLU D 72 4.61 -33.64 15.81
C GLU D 72 4.01 -32.61 16.75
N PRO D 73 3.04 -32.99 17.59
CA PRO D 73 2.32 -31.97 18.38
C PRO D 73 3.18 -31.23 19.37
N ARG D 74 4.38 -31.72 19.67
CA ARG D 74 5.23 -31.02 20.62
C ARG D 74 5.65 -29.65 20.13
N HIS D 75 5.64 -29.41 18.81
CA HIS D 75 6.05 -28.10 18.32
C HIS D 75 5.00 -27.01 18.51
N TYR D 76 3.78 -27.37 18.92
CA TYR D 76 2.78 -26.38 19.33
C TYR D 76 2.20 -26.76 20.69
N SER D 77 2.98 -27.49 21.49
CA SER D 77 2.59 -27.82 22.86
C SER D 77 1.23 -28.51 22.90
N GLY D 78 0.98 -29.39 21.95
CA GLY D 78 -0.29 -30.06 21.85
C GLY D 78 -0.26 -31.41 22.55
N PRO D 79 -1.43 -32.01 22.76
CA PRO D 79 -1.48 -33.34 23.37
C PRO D 79 -0.74 -34.35 22.52
N ALA D 80 -0.14 -35.32 23.19
CA ALA D 80 0.51 -36.42 22.47
C ALA D 80 -0.44 -37.00 21.45
N SER D 81 0.10 -37.37 20.29
CA SER D 81 -0.73 -37.93 19.22
C SER D 81 -1.05 -39.39 19.55
N GLU D 82 -2.17 -39.85 19.02
CA GLU D 82 -2.55 -41.25 19.18
C GLU D 82 -1.39 -42.15 18.73
N PRO D 83 -1.00 -43.15 19.51
CA PRO D 83 0.14 -44.00 19.10
C PRO D 83 -0.05 -44.49 17.68
N GLY D 84 1.05 -44.49 16.93
CA GLY D 84 1.03 -44.91 15.56
C GLY D 84 0.75 -43.80 14.55
N THR D 85 0.28 -42.63 14.99
CA THR D 85 0.11 -41.50 14.09
C THR D 85 1.37 -41.31 13.25
N LEU D 86 1.19 -40.98 11.97
CA LEU D 86 2.33 -40.81 11.09
C LEU D 86 3.00 -39.47 11.38
N HIS D 87 4.29 -39.53 11.68
CA HIS D 87 5.15 -38.39 11.89
C HIS D 87 6.38 -38.54 11.00
N ASP D 88 7.08 -37.43 10.81
CA ASP D 88 8.34 -37.41 10.06
C ASP D 88 9.22 -36.38 10.77
N SER D 89 9.87 -36.82 11.86
CA SER D 89 10.68 -35.94 12.68
C SER D 89 11.78 -35.25 11.87
N ASP D 90 12.37 -35.96 10.91
CA ASP D 90 13.46 -35.38 10.14
C ASP D 90 12.94 -34.25 9.25
N ARG D 91 11.74 -34.42 8.67
CA ARG D 91 11.15 -33.31 7.92
C ARG D 91 10.85 -32.12 8.85
N ASP D 92 10.22 -32.37 10.00
CA ASP D 92 9.90 -31.27 10.90
C ASP D 92 11.15 -30.47 11.22
N ALA D 93 12.26 -31.17 11.44
CA ALA D 93 13.52 -30.54 11.83
C ALA D 93 14.13 -29.74 10.70
N THR D 94 13.71 -29.99 9.46
CA THR D 94 14.14 -29.23 8.30
C THR D 94 13.18 -28.08 8.02
N THR D 95 11.88 -28.36 8.00
CA THR D 95 10.97 -27.39 7.40
C THR D 95 10.57 -26.29 8.37
N LEU D 96 10.45 -26.56 9.66
CA LEU D 96 10.02 -25.51 10.58
C LEU D 96 11.07 -24.41 10.65
N PRO D 97 12.36 -24.70 10.88
CA PRO D 97 13.37 -23.62 10.81
C PRO D 97 13.49 -23.03 9.42
N LEU D 98 13.38 -23.85 8.39
CA LEU D 98 13.56 -23.33 7.03
C LEU D 98 12.50 -22.31 6.65
N VAL D 99 11.23 -22.56 6.99
CA VAL D 99 10.22 -21.60 6.59
C VAL D 99 10.45 -20.28 7.32
N ARG D 100 10.85 -20.32 8.59
CA ARG D 100 11.13 -19.08 9.31
C ARG D 100 12.31 -18.36 8.68
N ALA D 101 13.38 -19.10 8.36
CA ALA D 101 14.55 -18.46 7.76
C ALA D 101 14.23 -17.92 6.37
N ALA D 102 13.45 -18.67 5.59
CA ALA D 102 13.14 -18.20 4.23
C ALA D 102 12.34 -16.92 4.27
N ILE D 103 11.33 -16.85 5.13
CA ILE D 103 10.52 -15.64 5.16
C ILE D 103 11.33 -14.47 5.68
N ASP D 104 12.23 -14.72 6.63
CA ASP D 104 13.05 -13.63 7.15
C ASP D 104 14.01 -13.11 6.09
N ALA D 105 14.47 -13.99 5.20
CA ALA D 105 15.40 -13.61 4.14
C ALA D 105 14.69 -13.06 2.92
N GLY D 106 13.38 -13.16 2.85
CA GLY D 106 12.67 -12.67 1.69
C GLY D 106 12.70 -13.61 0.52
N ILE D 107 12.67 -14.92 0.77
CA ILE D 107 12.57 -15.92 -0.28
C ILE D 107 11.11 -16.35 -0.37
N PRO D 108 10.51 -16.30 -1.56
CA PRO D 108 9.11 -16.71 -1.70
C PRO D 108 8.87 -18.10 -1.15
N VAL D 109 7.72 -18.26 -0.47
CA VAL D 109 7.33 -19.53 0.11
C VAL D 109 5.89 -19.84 -0.28
N LEU D 110 5.65 -21.06 -0.76
CA LEU D 110 4.32 -21.61 -0.94
C LEU D 110 4.21 -22.90 -0.16
N GLY D 111 3.19 -22.99 0.69
CA GLY D 111 2.95 -24.20 1.47
C GLY D 111 1.65 -24.84 1.06
N ILE D 112 1.64 -26.15 0.85
CA ILE D 112 0.47 -26.91 0.43
C ILE D 112 0.21 -28.00 1.47
N CYS D 113 -1.02 -28.02 1.98
CA CYS D 113 -1.53 -29.05 2.90
C CYS D 113 -0.62 -29.16 4.12
N ARG D 114 0.11 -30.26 4.26
CA ARG D 114 1.04 -30.34 5.40
C ARG D 114 1.93 -29.09 5.48
N GLY D 115 2.36 -28.57 4.33
CA GLY D 115 3.24 -27.41 4.32
C GLY D 115 2.55 -26.16 4.83
N PHE D 116 1.24 -26.04 4.56
CA PHE D 116 0.44 -24.96 5.14
C PHE D 116 0.37 -25.11 6.66
N GLN D 117 0.18 -26.34 7.13
CA GLN D 117 0.17 -26.59 8.58
C GLN D 117 1.54 -26.27 9.20
N GLU D 118 2.62 -26.56 8.47
CA GLU D 118 3.96 -26.23 8.92
C GLU D 118 4.12 -24.72 9.08
N MET D 119 3.58 -23.94 8.15
CA MET D 119 3.66 -22.50 8.24
C MET D 119 2.98 -21.99 9.52
N ASN D 120 1.79 -22.51 9.83
CA ASN D 120 1.09 -22.07 11.03
C ASN D 120 1.86 -22.46 12.29
N VAL D 121 2.44 -23.66 12.31
CA VAL D 121 3.14 -24.10 13.51
C VAL D 121 4.45 -23.33 13.67
N ALA D 122 5.13 -23.06 12.55
CA ALA D 122 6.44 -22.44 12.62
C ALA D 122 6.38 -21.04 13.22
N PHE D 123 5.23 -20.37 13.11
CA PHE D 123 5.10 -19.00 13.61
C PHE D 123 4.26 -18.92 14.87
N GLY D 124 4.01 -20.06 15.51
CA GLY D 124 3.43 -20.09 16.84
C GLY D 124 2.01 -20.58 16.96
N GLY D 125 1.43 -21.10 15.88
CA GLY D 125 0.08 -21.62 15.92
C GLY D 125 0.01 -23.08 16.31
N SER D 126 -1.24 -23.57 16.36
CA SER D 126 -1.60 -24.90 16.81
C SER D 126 -2.39 -25.60 15.72
N LEU D 127 -2.48 -26.92 15.83
CA LEU D 127 -3.33 -27.71 14.93
C LEU D 127 -4.33 -28.53 15.72
N HIS D 128 -5.52 -28.72 15.12
CA HIS D 128 -6.40 -29.83 15.48
C HIS D 128 -5.85 -31.11 14.85
N GLN D 129 -5.67 -32.15 15.66
CA GLN D 129 -5.09 -33.37 15.12
C GLN D 129 -6.13 -34.28 14.48
N LYS D 130 -7.42 -34.12 14.80
CA LYS D 130 -8.48 -34.85 14.11
C LYS D 130 -9.64 -33.86 13.89
N VAL D 131 -9.52 -33.05 12.84
CA VAL D 131 -10.49 -31.98 12.56
C VAL D 131 -11.90 -32.54 12.56
N HIS D 132 -12.08 -33.72 11.97
CA HIS D 132 -13.40 -34.30 11.78
C HIS D 132 -14.06 -34.73 13.08
N GLU D 133 -13.32 -34.73 14.20
CA GLU D 133 -13.86 -35.04 15.50
C GLU D 133 -14.04 -33.80 16.38
N VAL D 134 -13.71 -32.63 15.86
CA VAL D 134 -13.68 -31.39 16.63
C VAL D 134 -14.96 -30.61 16.32
N GLY D 135 -15.57 -30.06 17.36
CA GLY D 135 -16.70 -29.16 17.19
C GLY D 135 -17.62 -29.54 16.06
N THR D 136 -17.90 -28.60 15.17
CA THR D 136 -18.84 -28.82 14.08
C THR D 136 -18.17 -28.82 12.70
N PHE D 137 -16.85 -29.00 12.64
CA PHE D 137 -16.17 -29.06 11.36
C PHE D 137 -16.69 -30.24 10.55
N MET D 138 -16.69 -30.07 9.23
CA MET D 138 -16.93 -31.20 8.33
C MET D 138 -15.77 -32.20 8.40
N ASP D 139 -15.96 -33.36 7.77
CA ASP D 139 -14.87 -34.31 7.55
C ASP D 139 -14.08 -33.84 6.32
N HIS D 140 -12.84 -33.44 6.54
CA HIS D 140 -12.03 -32.89 5.46
C HIS D 140 -11.14 -33.94 4.82
N ARG D 141 -11.23 -35.18 5.25
CA ARG D 141 -10.38 -36.22 4.69
C ARG D 141 -10.89 -36.69 3.33
N GLU D 142 -10.00 -37.30 2.57
CA GLU D 142 -10.38 -37.90 1.31
C GLU D 142 -11.15 -39.21 1.56
N PRO D 143 -12.10 -39.54 0.69
CA PRO D 143 -12.82 -40.83 0.83
C PRO D 143 -11.85 -42.00 0.74
N ALA D 144 -12.02 -42.95 1.66
CA ALA D 144 -11.08 -44.05 1.78
C ALA D 144 -11.23 -45.03 0.63
N ASP D 145 -10.10 -45.61 0.23
CA ASP D 145 -10.04 -46.67 -0.79
C ASP D 145 -10.91 -46.35 -1.99
N GLN D 146 -10.68 -45.17 -2.56
CA GLN D 146 -11.19 -44.78 -3.86
C GLN D 146 -10.01 -44.39 -4.74
N PRO D 147 -10.14 -44.49 -6.06
CA PRO D 147 -9.03 -44.10 -6.93
C PRO D 147 -8.64 -42.65 -6.69
N LEU D 148 -7.39 -42.33 -7.03
CA LEU D 148 -6.92 -40.98 -6.85
C LEU D 148 -7.83 -39.97 -7.52
N GLU D 149 -8.44 -40.34 -8.65
CA GLU D 149 -9.26 -39.38 -9.39
C GLU D 149 -10.46 -38.91 -8.56
N VAL D 150 -10.96 -39.78 -7.69
CA VAL D 150 -12.01 -39.40 -6.76
C VAL D 150 -11.45 -38.70 -5.53
N GLN D 151 -10.36 -39.23 -4.98
CA GLN D 151 -9.84 -38.71 -3.72
C GLN D 151 -9.39 -37.26 -3.83
N TYR D 152 -8.86 -36.86 -5.00
CA TYR D 152 -8.30 -35.52 -5.17
C TYR D 152 -9.21 -34.61 -5.99
N ALA D 153 -10.41 -35.04 -6.33
CA ALA D 153 -11.36 -34.14 -6.96
C ALA D 153 -11.92 -33.12 -5.97
N PRO D 154 -12.46 -32.01 -6.45
CA PRO D 154 -12.97 -31.00 -5.52
C PRO D 154 -14.09 -31.56 -4.65
N ARG D 155 -14.09 -31.18 -3.37
CA ARG D 155 -15.05 -31.74 -2.41
C ARG D 155 -15.81 -30.70 -1.60
N HIS D 156 -15.30 -29.49 -1.42
CA HIS D 156 -16.02 -28.48 -0.68
C HIS D 156 -15.64 -27.10 -1.20
N ALA D 157 -16.47 -26.12 -0.88
CA ALA D 157 -16.25 -24.77 -1.34
C ALA D 157 -15.16 -24.09 -0.51
N MET D 158 -14.70 -22.96 -1.01
CA MET D 158 -13.66 -22.18 -0.35
C MET D 158 -14.01 -20.70 -0.49
N HIS D 159 -13.97 -19.96 0.61
CA HIS D 159 -14.42 -18.57 0.62
C HIS D 159 -13.22 -17.67 0.88
N VAL D 160 -12.89 -16.85 -0.12
CA VAL D 160 -11.76 -15.94 -0.02
C VAL D 160 -12.11 -14.79 0.90
N GLN D 161 -11.18 -14.44 1.75
CA GLN D 161 -11.33 -13.28 2.60
C GLN D 161 -10.75 -12.04 1.92
N PRO D 162 -11.34 -10.88 2.14
CA PRO D 162 -10.96 -9.71 1.34
C PRO D 162 -9.64 -9.13 1.77
N GLY D 163 -8.93 -8.57 0.80
CA GLY D 163 -7.81 -7.70 1.07
C GLY D 163 -6.48 -8.39 1.24
N GLY D 164 -6.41 -9.69 1.01
CA GLY D 164 -5.20 -10.44 1.19
C GLY D 164 -4.57 -10.87 -0.11
N VAL D 165 -3.72 -11.90 -0.02
CA VAL D 165 -2.97 -12.35 -1.20
C VAL D 165 -3.89 -13.02 -2.21
N LEU D 166 -4.86 -13.81 -1.74
CA LEU D 166 -5.70 -14.55 -2.68
C LEU D 166 -6.63 -13.61 -3.42
N ALA D 167 -7.22 -12.64 -2.71
CA ALA D 167 -7.96 -11.59 -3.40
C ALA D 167 -7.07 -10.91 -4.43
N GLY D 168 -5.81 -10.70 -4.08
CA GLY D 168 -4.91 -9.99 -4.99
C GLY D 168 -4.52 -10.78 -6.22
N ILE D 169 -4.54 -12.11 -6.13
CA ILE D 169 -4.27 -12.93 -7.31
C ILE D 169 -5.42 -12.86 -8.30
N GLY D 170 -6.59 -12.40 -7.86
CA GLY D 170 -7.77 -12.43 -8.70
C GLY D 170 -8.51 -13.75 -8.70
N LEU D 171 -8.48 -14.47 -7.59
CA LEU D 171 -9.30 -15.67 -7.51
C LEU D 171 -10.76 -15.29 -7.25
N PRO D 172 -11.70 -16.09 -7.76
CA PRO D 172 -13.12 -15.81 -7.49
C PRO D 172 -13.34 -15.73 -5.99
N SER D 173 -14.38 -15.01 -5.60
CA SER D 173 -14.74 -14.92 -4.19
C SER D 173 -14.95 -16.31 -3.59
N GLU D 174 -15.23 -17.29 -4.43
CA GLU D 174 -15.73 -18.58 -3.99
C GLU D 174 -15.48 -19.57 -5.12
N PHE D 175 -14.83 -20.69 -4.81
CA PHE D 175 -14.52 -21.71 -5.79
C PHE D 175 -14.39 -23.03 -5.06
N GLN D 176 -14.37 -24.12 -5.81
CA GLN D 176 -14.33 -25.45 -5.19
C GLN D 176 -12.89 -25.89 -5.03
N VAL D 177 -12.62 -26.64 -3.95
CA VAL D 177 -11.28 -27.20 -3.72
C VAL D 177 -11.38 -28.65 -3.31
N ASN D 178 -10.29 -29.38 -3.56
CA ASN D 178 -10.15 -30.73 -3.01
C ASN D 178 -9.83 -30.63 -1.53
N SER D 179 -9.82 -31.78 -0.85
CA SER D 179 -9.62 -31.77 0.60
C SER D 179 -9.13 -33.17 0.99
N ILE D 180 -7.87 -33.27 1.37
CA ILE D 180 -7.21 -34.53 1.66
C ILE D 180 -6.48 -34.39 3.00
N HIS D 181 -7.19 -33.96 4.04
CA HIS D 181 -6.48 -33.70 5.28
C HIS D 181 -7.30 -34.05 6.51
N GLY D 182 -6.63 -34.68 7.49
CA GLY D 182 -7.25 -34.99 8.77
C GLY D 182 -6.96 -33.96 9.85
N GLN D 183 -5.93 -33.15 9.65
CA GLN D 183 -5.54 -32.09 10.57
C GLN D 183 -5.87 -30.72 9.96
N GLY D 184 -5.83 -29.70 10.81
CA GLY D 184 -6.16 -28.36 10.39
C GLY D 184 -5.80 -27.34 11.45
N VAL D 185 -5.88 -26.08 11.06
CA VAL D 185 -5.54 -24.98 11.96
C VAL D 185 -6.49 -24.95 13.16
N ASP D 186 -5.91 -24.84 14.36
CA ASP D 186 -6.67 -24.56 15.59
C ASP D 186 -6.44 -23.09 15.95
N ARG D 187 -5.39 -22.82 16.72
CA ARG D 187 -4.98 -21.46 17.00
C ARG D 187 -4.17 -20.92 15.83
N LEU D 188 -4.62 -19.81 15.26
CA LEU D 188 -3.88 -19.18 14.19
C LEU D 188 -2.65 -18.48 14.75
N ALA D 189 -1.51 -18.71 14.11
CA ALA D 189 -0.28 -18.11 14.60
C ALA D 189 -0.41 -16.59 14.62
N PRO D 190 0.16 -15.92 15.60
CA PRO D 190 0.21 -14.46 15.54
C PRO D 190 0.99 -14.03 14.31
N GLY D 191 0.56 -12.93 13.71
CA GLY D 191 1.23 -12.45 12.53
C GLY D 191 0.84 -13.12 11.23
N LEU D 192 -0.14 -14.01 11.25
CA LEU D 192 -0.66 -14.62 10.03
C LEU D 192 -2.04 -14.06 9.73
N ARG D 193 -2.27 -13.80 8.44
CA ARG D 193 -3.53 -13.30 7.91
C ARG D 193 -4.36 -14.46 7.43
N VAL D 194 -5.64 -14.50 7.81
CA VAL D 194 -6.54 -15.49 7.21
C VAL D 194 -6.85 -15.09 5.78
N GLU D 195 -6.61 -16.01 4.85
CA GLU D 195 -6.86 -15.78 3.43
C GLU D 195 -8.12 -16.45 2.89
N ALA D 196 -8.58 -17.55 3.51
CA ALA D 196 -9.72 -18.28 2.98
C ALA D 196 -10.26 -19.21 4.05
N LEU D 197 -11.58 -19.39 4.03
CA LEU D 197 -12.32 -20.16 5.02
C LEU D 197 -13.13 -21.23 4.32
N ALA D 198 -13.08 -22.46 4.82
CA ALA D 198 -14.01 -23.49 4.39
C ALA D 198 -15.41 -23.14 4.91
N PRO D 199 -16.45 -23.76 4.36
CA PRO D 199 -17.82 -23.40 4.79
C PRO D 199 -18.09 -23.67 6.26
N ASP D 200 -17.34 -24.54 6.91
CA ASP D 200 -17.50 -24.82 8.33
C ASP D 200 -16.64 -23.90 9.19
N GLY D 201 -16.02 -22.89 8.60
CA GLY D 201 -15.19 -21.94 9.32
C GLY D 201 -13.75 -22.36 9.51
N LEU D 202 -13.32 -23.50 8.97
CA LEU D 202 -11.94 -23.91 9.11
C LEU D 202 -11.04 -22.99 8.30
N VAL D 203 -9.96 -22.50 8.93
CA VAL D 203 -8.96 -21.73 8.22
C VAL D 203 -8.24 -22.65 7.24
N GLU D 204 -8.30 -22.34 5.95
CA GLU D 204 -7.69 -23.16 4.90
C GLU D 204 -6.69 -22.38 4.04
N ALA D 205 -6.47 -21.10 4.31
CA ALA D 205 -5.36 -20.40 3.67
C ALA D 205 -4.92 -19.26 4.57
N ILE D 206 -3.62 -18.98 4.52
CA ILE D 206 -2.97 -17.97 5.35
C ILE D 206 -1.87 -17.30 4.55
N SER D 207 -1.58 -16.06 4.91
CA SER D 207 -0.39 -15.37 4.41
C SER D 207 0.31 -14.77 5.62
N VAL D 208 1.61 -14.50 5.46
CA VAL D 208 2.43 -14.06 6.58
C VAL D 208 2.46 -12.54 6.54
N GLU D 209 1.83 -11.92 7.55
CA GLU D 209 1.86 -10.46 7.64
C GLU D 209 3.30 -10.02 7.89
N GLY D 210 3.68 -8.91 7.27
CA GLY D 210 5.01 -8.38 7.44
C GLY D 210 6.07 -9.00 6.56
N ALA D 211 5.74 -10.05 5.80
CA ALA D 211 6.75 -10.74 5.01
C ALA D 211 7.27 -9.85 3.90
N LYS D 212 8.59 -9.90 3.69
CA LYS D 212 9.21 -9.17 2.58
C LYS D 212 8.71 -9.68 1.24
N ALA D 213 8.50 -10.99 1.11
CA ALA D 213 8.21 -11.63 -0.15
C ALA D 213 6.96 -12.49 -0.02
N PHE D 214 6.48 -12.97 -1.16
CA PHE D 214 5.37 -13.92 -1.23
C PHE D 214 5.50 -15.00 -0.16
N ALA D 215 4.44 -15.15 0.63
CA ALA D 215 4.45 -16.13 1.71
C ALA D 215 2.99 -16.58 1.93
N LEU D 216 2.60 -17.65 1.25
CA LEU D 216 1.22 -18.09 1.20
C LEU D 216 1.13 -19.59 1.48
N GLY D 217 0.15 -19.99 2.27
CA GLY D 217 -0.12 -21.40 2.48
C GLY D 217 -1.59 -21.71 2.23
N VAL D 218 -1.86 -22.88 1.64
CA VAL D 218 -3.23 -23.32 1.40
C VAL D 218 -3.35 -24.78 1.87
N GLN D 219 -4.53 -25.09 2.43
CA GLN D 219 -4.82 -26.39 3.01
C GLN D 219 -5.22 -27.41 1.97
N TRP D 220 -5.68 -26.99 0.80
CA TRP D 220 -6.03 -27.91 -0.27
C TRP D 220 -4.76 -28.21 -1.08
N ASN D 221 -4.93 -28.95 -2.18
CA ASN D 221 -3.82 -29.52 -2.94
C ASN D 221 -3.91 -29.01 -4.37
N PRO D 222 -3.52 -27.76 -4.60
CA PRO D 222 -3.62 -27.19 -5.97
C PRO D 222 -2.64 -27.79 -6.96
N GLU D 223 -1.68 -28.59 -6.53
CA GLU D 223 -0.84 -29.24 -7.53
C GLU D 223 -1.60 -30.28 -8.33
N TRP D 224 -2.74 -30.76 -7.84
CA TRP D 224 -3.44 -31.84 -8.53
C TRP D 224 -4.04 -31.38 -9.85
N GLN D 225 -3.57 -31.96 -10.94
CA GLN D 225 -4.03 -31.60 -12.30
C GLN D 225 -4.08 -30.09 -12.45
N VAL D 226 -3.01 -29.43 -12.00
CA VAL D 226 -2.97 -27.98 -11.88
C VAL D 226 -3.29 -27.30 -13.21
N LEU D 227 -2.86 -27.89 -14.33
CA LEU D 227 -3.08 -27.21 -15.60
C LEU D 227 -4.55 -27.23 -16.01
N THR D 228 -5.34 -28.17 -15.48
CA THR D 228 -6.77 -28.25 -15.79
C THR D 228 -7.62 -27.33 -14.93
N ASN D 229 -7.05 -26.72 -13.89
CA ASN D 229 -7.81 -25.90 -12.94
C ASN D 229 -7.23 -24.51 -12.83
N PRO D 230 -7.83 -23.52 -13.50
CA PRO D 230 -7.27 -22.17 -13.42
C PRO D 230 -7.17 -21.59 -12.04
N ASN D 231 -7.98 -22.04 -11.08
CA ASN D 231 -7.86 -21.51 -9.74
C ASN D 231 -6.60 -22.05 -9.06
N TYR D 232 -6.29 -23.33 -9.30
CA TYR D 232 -5.07 -23.92 -8.77
C TYR D 232 -3.86 -23.31 -9.45
N LEU D 233 -3.92 -23.19 -10.77
CA LEU D 233 -2.78 -22.67 -11.53
C LEU D 233 -2.44 -21.24 -11.13
N ALA D 234 -3.45 -20.42 -10.86
CA ALA D 234 -3.18 -19.04 -10.47
C ALA D 234 -2.30 -18.96 -9.24
N ILE D 235 -2.41 -19.91 -8.32
CA ILE D 235 -1.55 -19.86 -7.14
C ILE D 235 -0.11 -20.13 -7.55
N PHE D 236 0.08 -21.12 -8.42
CA PHE D 236 1.43 -21.46 -8.88
C PHE D 236 2.00 -20.36 -9.75
N GLN D 237 1.16 -19.67 -10.53
CA GLN D 237 1.67 -18.57 -11.34
C GLN D 237 2.12 -17.39 -10.47
N ALA D 238 1.33 -17.03 -9.45
CA ALA D 238 1.77 -15.98 -8.54
C ALA D 238 3.05 -16.36 -7.80
N PHE D 239 3.13 -17.60 -7.32
CA PHE D 239 4.36 -18.08 -6.71
C PHE D 239 5.54 -17.97 -7.67
N GLY D 240 5.37 -18.45 -8.90
CA GLY D 240 6.46 -18.44 -9.84
C GLY D 240 6.93 -17.04 -10.19
N LYS D 241 5.98 -16.09 -10.27
CA LYS D 241 6.35 -14.72 -10.55
C LYS D 241 7.24 -14.16 -9.44
N ALA D 242 6.90 -14.46 -8.18
CA ALA D 242 7.73 -14.03 -7.07
C ALA D 242 9.12 -14.65 -7.14
N CYS D 243 9.20 -15.95 -7.45
CA CYS D 243 10.47 -16.63 -7.59
C CYS D 243 11.27 -16.08 -8.76
N SER D 244 10.61 -15.79 -9.88
CA SER D 244 11.32 -15.25 -11.02
C SER D 244 11.91 -13.87 -10.71
N LYS D 245 11.25 -13.07 -9.88
CA LYS D 245 11.83 -11.78 -9.52
C LYS D 245 13.11 -11.97 -8.73
N ARG D 246 13.12 -12.92 -7.79
CA ARG D 246 14.36 -13.20 -7.06
C ARG D 246 15.44 -13.70 -8.01
N ALA D 247 15.08 -14.60 -8.92
CA ALA D 247 16.04 -15.11 -9.89
C ALA D 247 16.66 -13.98 -10.70
N GLY D 248 15.87 -12.94 -10.98
CA GLY D 248 16.37 -11.83 -11.77
C GLY D 248 17.41 -11.00 -11.07
N GLN D 249 17.65 -11.23 -9.78
CA GLN D 249 18.64 -10.49 -9.02
C GLN D 249 20.03 -11.10 -9.07
N ARG D 250 20.18 -12.29 -9.64
CA ARG D 250 21.45 -13.02 -9.60
C ARG D 250 22.45 -12.56 -10.68
MG MG E . -6.58 25.93 -26.88
N GLU F . 3.73 19.75 -27.61
CA GLU F . 2.31 19.61 -27.43
C GLU F . 1.53 20.64 -28.29
O GLU F . 0.33 20.55 -28.44
CB GLU F . 1.92 19.79 -25.95
CG GLU F . 2.12 21.22 -25.46
CD GLU F . 2.20 21.31 -23.95
OE1 GLU F . 1.89 20.30 -23.25
OE2 GLU F . 2.55 22.41 -23.45
OXT GLU F . 2.16 21.57 -28.87
HA GLU F . 2.04 18.72 -27.71
HB2 GLU F . 0.99 19.55 -25.84
HB3 GLU F . 2.47 19.20 -25.41
HG2 GLU F . 2.96 21.55 -25.82
HG3 GLU F . 1.38 21.76 -25.76
MG MG G . 37.31 9.61 -3.33
N GLU H . 29.63 18.65 -5.59
CA GLU H . 29.99 17.70 -4.53
C GLU H . 31.51 17.47 -4.52
O GLU H . 32.02 16.78 -3.63
CB GLU H . 29.29 16.35 -4.72
CG GLU H . 29.77 15.63 -5.98
CD GLU H . 28.77 14.63 -6.56
OE1 GLU H . 27.77 14.27 -5.90
OE2 GLU H . 29.04 14.16 -7.70
OXT GLU H . 32.25 17.96 -5.42
HA GLU H . 29.72 18.07 -3.67
HB2 GLU H . 29.47 15.79 -3.95
HB3 GLU H . 28.34 16.50 -4.79
HG2 GLU H . 29.95 16.29 -6.68
HG3 GLU H . 30.58 15.15 -5.77
MG MG I . -12.73 6.96 17.25
N GLU J . -23.73 11.54 17.78
CA GLU J . -22.90 10.51 18.44
C GLU J . -21.47 11.05 18.59
O GLU J . -20.62 10.45 19.25
CB GLU J . -22.88 9.22 17.64
CG GLU J . -22.23 9.36 16.26
CD GLU J . -22.65 8.31 15.27
OE1 GLU J . -23.29 7.30 15.65
OE2 GLU J . -22.32 8.49 14.07
OXT GLU J . -21.12 12.07 17.99
HA GLU J . -23.28 10.31 19.31
HB2 GLU J . -22.38 8.55 18.14
HB3 GLU J . -23.79 8.92 17.50
HG2 GLU J . -22.47 10.23 15.90
HG3 GLU J . -21.27 9.31 16.37
MG MG K . -10.54 -29.15 3.47
N GLU L . -1.01 -35.42 7.27
CA GLU L . -1.63 -34.10 7.25
C GLU L . -3.13 -34.12 7.51
O GLU L . -3.81 -35.17 7.56
CB GLU L . -1.37 -33.43 5.88
CG GLU L . -2.10 -34.15 4.73
CD GLU L . -1.40 -34.01 3.40
OE1 GLU L . -1.76 -34.80 2.48
OE2 GLU L . -0.53 -33.11 3.26
OXT GLU L . -3.71 -33.06 7.66
HA GLU L . -1.23 -33.57 7.96
HB2 GLU L . -1.68 -32.52 5.92
HB3 GLU L . -0.42 -33.45 5.69
HG2 GLU L . -2.16 -35.09 4.95
HG3 GLU L . -2.99 -33.77 4.65
#